data_3ND7
#
_entry.id   3ND7
#
_cell.length_a   109.640
_cell.length_b   125.791
_cell.length_c   125.804
_cell.angle_alpha   90.00
_cell.angle_beta   90.00
_cell.angle_gamma   90.00
#
_symmetry.space_group_name_H-M   'P 21 21 21'
#
loop_
_entity.id
_entity.type
_entity.pdbx_description
1 polymer 'Phosphopantetheine adenylyltransferase'
2 non-polymer (2R)-2,4-dihydroxy-3,3-dimethyl-N-{3-oxo-3-[(2-sulfanylethyl)amino]propyl}butanamide
3 water water
#
_entity_poly.entity_id   1
_entity_poly.type   'polypeptide(L)'
_entity_poly.pdbx_seq_one_letter_code
;MRKIALFPGSFDPMTNGHLNLIERSAKLFDEVIIGVFINTSKQTLFTPEEKKYLIEEATKEMPNVRVIMQETQLTVESAK
SLGANFLIRGIRNVKDYEYEKDIAKMNQHLAPEIETVFLLAEEPYAHVSSSLLKEVLRFGGDVSDYLPPNIYHALKQKKN
DWSLEHHHHHH
;
_entity_poly.pdbx_strand_id   A,B,C,D,E,F
#
loop_
_chem_comp.id
_chem_comp.type
_chem_comp.name
_chem_comp.formula
PNY non-polymer (2R)-2,4-dihydroxy-3,3-dimethyl-N-{3-oxo-3-[(2-sulfanylethyl)amino]propyl}butanamide 'C11 H22 N2 O4 S'
#
# COMPACT_ATOMS: atom_id res chain seq x y z
N MET A 1 15.98 16.05 -25.32
CA MET A 1 15.90 14.81 -26.18
C MET A 1 14.70 14.95 -27.13
N ARG A 2 14.74 14.26 -28.25
CA ARG A 2 13.60 14.36 -29.13
C ARG A 2 12.37 13.75 -28.46
N LYS A 3 11.23 14.39 -28.65
CA LYS A 3 10.04 13.98 -27.92
C LYS A 3 9.40 12.81 -28.62
N ILE A 4 10.15 11.70 -28.68
CA ILE A 4 9.70 10.43 -29.24
C ILE A 4 9.53 9.38 -28.16
N ALA A 5 8.27 8.93 -28.06
CA ALA A 5 7.79 8.07 -26.93
C ALA A 5 7.25 6.73 -27.42
N LEU A 6 7.71 5.64 -26.81
CA LEU A 6 7.21 4.26 -27.00
C LEU A 6 6.13 3.93 -25.93
N PHE A 7 4.94 3.51 -26.35
CA PHE A 7 3.87 3.00 -25.43
C PHE A 7 3.71 1.51 -25.67
N PRO A 8 4.46 0.68 -24.93
CA PRO A 8 4.49 -0.73 -25.25
C PRO A 8 3.34 -1.45 -24.54
N GLY A 9 2.97 -2.63 -25.01
CA GLY A 9 1.83 -3.34 -24.45
C GLY A 9 1.43 -4.51 -25.33
N SER A 10 0.49 -5.30 -24.83
CA SER A 10 0.09 -6.46 -25.62
C SER A 10 -1.24 -6.20 -26.28
N PHE A 11 -1.96 -5.20 -25.75
CA PHE A 11 -3.26 -4.70 -26.30
C PHE A 11 -4.15 -5.82 -26.79
N ASP A 12 -4.60 -6.66 -25.87
CA ASP A 12 -5.57 -7.70 -26.18
C ASP A 12 -6.43 -8.01 -25.00
N PRO A 13 -7.57 -7.30 -24.95
CA PRO A 13 -7.68 -6.32 -26.00
C PRO A 13 -7.25 -4.94 -25.53
N MET A 14 -7.15 -4.05 -26.48
CA MET A 14 -6.99 -2.65 -26.24
C MET A 14 -8.31 -2.09 -25.76
N THR A 15 -8.26 -1.26 -24.73
CA THR A 15 -9.43 -0.80 -24.03
C THR A 15 -9.52 0.67 -24.27
N ASN A 16 -10.62 1.29 -23.87
CA ASN A 16 -10.66 2.71 -23.71
C ASN A 16 -9.65 3.30 -22.72
N GLY A 17 -9.09 2.50 -21.81
CA GLY A 17 -8.09 3.03 -20.90
C GLY A 17 -6.76 3.28 -21.64
N HIS A 18 -6.32 2.32 -22.38
CA HIS A 18 -5.18 2.52 -23.25
C HIS A 18 -5.33 3.75 -24.15
N LEU A 19 -6.54 3.96 -24.67
CA LEU A 19 -6.75 4.94 -25.71
C LEU A 19 -6.69 6.31 -25.04
N ASN A 20 -7.39 6.40 -23.91
CA ASN A 20 -7.25 7.53 -23.06
C ASN A 20 -5.79 7.88 -22.77
N LEU A 21 -4.95 6.91 -22.48
CA LEU A 21 -3.54 7.21 -22.21
C LEU A 21 -2.82 7.73 -23.45
N ILE A 22 -3.19 7.19 -24.61
CA ILE A 22 -2.56 7.52 -25.88
C ILE A 22 -2.94 8.92 -26.21
N GLU A 23 -4.22 9.26 -26.01
CA GLU A 23 -4.70 10.59 -26.36
C GLU A 23 -3.96 11.60 -25.52
N ARG A 24 -3.67 11.26 -24.28
CA ARG A 24 -3.12 12.22 -23.37
C ARG A 24 -1.66 12.30 -23.66
N SER A 25 -1.04 11.22 -24.03
CA SER A 25 0.31 11.53 -24.34
C SER A 25 0.57 12.08 -25.78
N ALA A 26 -0.40 11.96 -26.67
CA ALA A 26 -0.29 12.65 -27.94
C ALA A 26 -0.32 14.17 -27.71
N LYS A 27 -0.85 14.65 -26.59
CA LYS A 27 -0.74 16.10 -26.28
C LYS A 27 0.71 16.45 -25.91
N LEU A 28 1.50 15.43 -25.56
CA LEU A 28 2.82 15.73 -25.00
C LEU A 28 4.02 15.47 -25.91
N PHE A 29 3.93 14.46 -26.76
CA PHE A 29 5.11 14.01 -27.50
C PHE A 29 4.86 14.40 -28.92
N ASP A 30 5.96 14.45 -29.68
CA ASP A 30 5.91 14.79 -31.10
C ASP A 30 5.54 13.51 -31.77
N GLU A 31 6.06 12.39 -31.28
CA GLU A 31 5.71 11.09 -31.83
C GLU A 31 5.35 10.09 -30.70
N VAL A 32 4.21 9.42 -30.81
CA VAL A 32 3.88 8.33 -29.95
C VAL A 32 3.76 7.05 -30.72
N ILE A 33 4.65 6.15 -30.46
CA ILE A 33 4.62 4.87 -31.05
C ILE A 33 3.90 3.85 -30.13
N ILE A 34 2.92 3.17 -30.69
CA ILE A 34 2.30 2.02 -30.04
C ILE A 34 3.04 0.77 -30.45
N GLY A 35 3.87 0.30 -29.54
CA GLY A 35 4.72 -0.85 -29.83
C GLY A 35 3.96 -2.06 -29.41
N VAL A 36 3.46 -2.81 -30.39
CA VAL A 36 2.52 -3.89 -30.10
C VAL A 36 3.29 -5.19 -30.16
N PHE A 37 3.51 -5.77 -29.00
CA PHE A 37 4.32 -6.91 -28.80
C PHE A 37 3.48 -8.19 -29.05
N ILE A 38 3.89 -9.00 -30.02
CA ILE A 38 3.19 -10.23 -30.41
C ILE A 38 3.91 -11.50 -29.89
N LEU A 45 -5.19 -15.32 -31.24
CA LEU A 45 -6.57 -14.81 -31.13
C LEU A 45 -7.01 -14.09 -32.44
N PHE A 46 -6.49 -12.88 -32.68
CA PHE A 46 -6.40 -12.35 -34.07
C PHE A 46 -4.94 -12.31 -34.51
N THR A 47 -4.71 -12.08 -35.80
CA THR A 47 -3.35 -12.04 -36.34
C THR A 47 -2.68 -10.72 -35.99
N PRO A 48 -1.33 -10.67 -36.03
CA PRO A 48 -0.68 -9.37 -36.06
C PRO A 48 -1.44 -8.37 -36.95
N GLU A 49 -1.62 -8.73 -38.22
CA GLU A 49 -2.26 -7.86 -39.22
C GLU A 49 -3.57 -7.28 -38.73
N GLU A 50 -4.42 -8.14 -38.18
CA GLU A 50 -5.75 -7.74 -37.76
C GLU A 50 -5.59 -6.80 -36.58
N LYS A 51 -4.66 -7.17 -35.71
CA LYS A 51 -4.35 -6.41 -34.52
C LYS A 51 -3.91 -5.02 -34.93
N LYS A 52 -2.97 -4.97 -35.87
CA LYS A 52 -2.43 -3.71 -36.36
C LYS A 52 -3.55 -2.88 -36.94
N TYR A 53 -4.35 -3.55 -37.76
CA TYR A 53 -5.43 -2.86 -38.37
C TYR A 53 -6.39 -2.31 -37.33
N LEU A 54 -6.72 -3.07 -36.30
CA LEU A 54 -7.71 -2.55 -35.30
C LEU A 54 -7.21 -1.35 -34.47
N ILE A 55 -5.95 -1.44 -34.04
CA ILE A 55 -5.39 -0.38 -33.21
C ILE A 55 -5.20 0.85 -34.07
N GLU A 56 -4.67 0.64 -35.30
CA GLU A 56 -4.59 1.77 -36.25
C GLU A 56 -5.93 2.40 -36.43
N GLU A 57 -6.95 1.57 -36.56
CA GLU A 57 -8.26 2.14 -36.69
C GLU A 57 -8.71 2.90 -35.43
N ALA A 58 -8.48 2.35 -34.23
CA ALA A 58 -8.84 3.05 -32.98
C ALA A 58 -8.11 4.39 -32.81
N THR A 59 -6.92 4.48 -33.39
CA THR A 59 -6.06 5.62 -33.15
C THR A 59 -6.09 6.68 -34.27
N LYS A 60 -6.97 6.48 -35.25
CA LYS A 60 -6.96 7.24 -36.53
C LYS A 60 -7.08 8.75 -36.35
N GLU A 61 -7.69 9.17 -35.27
CA GLU A 61 -7.87 10.59 -35.07
C GLU A 61 -6.64 11.36 -34.57
N MET A 62 -5.56 10.66 -34.22
CA MET A 62 -4.35 11.34 -33.77
C MET A 62 -3.24 11.24 -34.80
N PRO A 63 -2.87 12.38 -35.37
CA PRO A 63 -1.88 12.47 -36.43
C PRO A 63 -0.46 12.11 -35.99
N ASN A 64 -0.17 12.22 -34.70
CA ASN A 64 1.19 11.91 -34.24
C ASN A 64 1.28 10.55 -33.56
N VAL A 65 0.40 9.65 -33.94
CA VAL A 65 0.40 8.36 -33.35
C VAL A 65 0.65 7.35 -34.46
N ARG A 66 1.60 6.45 -34.27
CA ARG A 66 1.55 5.32 -35.14
C ARG A 66 1.78 4.02 -34.43
N VAL A 67 1.37 2.96 -35.12
CA VAL A 67 1.32 1.63 -34.58
C VAL A 67 2.43 0.89 -35.22
N ILE A 68 3.22 0.17 -34.45
CA ILE A 68 4.27 -0.72 -34.93
C ILE A 68 4.27 -2.06 -34.20
N MET A 69 4.24 -3.17 -34.94
CA MET A 69 4.30 -4.52 -34.36
C MET A 69 5.71 -4.80 -34.05
N GLN A 70 5.97 -5.59 -33.01
CA GLN A 70 7.31 -5.91 -32.59
C GLN A 70 7.28 -7.31 -32.02
N GLU A 71 8.17 -8.19 -32.46
CA GLU A 71 8.42 -9.45 -31.76
C GLU A 71 8.82 -9.10 -30.34
N THR A 72 8.40 -9.92 -29.38
CA THR A 72 8.78 -9.75 -27.96
C THR A 72 10.28 -9.67 -27.81
N GLN A 73 10.69 -8.68 -27.03
CA GLN A 73 12.10 -8.39 -26.78
C GLN A 73 12.11 -7.45 -25.58
N LEU A 74 13.28 -7.11 -25.08
CA LEU A 74 13.36 -6.03 -24.16
C LEU A 74 12.82 -4.75 -24.80
N THR A 75 11.77 -4.20 -24.19
CA THR A 75 11.28 -2.85 -24.43
C THR A 75 12.29 -1.74 -24.72
N VAL A 76 13.35 -1.64 -23.94
CA VAL A 76 14.38 -0.67 -24.19
C VAL A 76 15.24 -0.96 -25.44
N GLU A 77 15.31 -2.22 -25.89
CA GLU A 77 15.96 -2.44 -27.19
C GLU A 77 14.97 -2.00 -28.26
N SER A 78 13.68 -2.22 -28.06
CA SER A 78 12.75 -1.86 -29.11
C SER A 78 12.67 -0.29 -29.21
N ALA A 79 12.59 0.40 -28.08
CA ALA A 79 12.93 1.81 -28.01
C ALA A 79 14.17 2.29 -28.79
N LYS A 80 15.35 1.70 -28.54
CA LYS A 80 16.58 2.08 -29.23
C LYS A 80 16.32 2.07 -30.72
N SER A 81 15.65 1.01 -31.19
CA SER A 81 15.59 0.71 -32.60
C SER A 81 14.64 1.57 -33.31
N LEU A 82 13.63 2.04 -32.58
CA LEU A 82 12.60 2.86 -33.11
C LEU A 82 13.04 4.32 -32.95
N GLY A 83 14.04 4.54 -32.10
CA GLY A 83 14.54 5.89 -31.81
C GLY A 83 13.66 6.60 -30.76
N ALA A 84 12.91 5.86 -29.91
CA ALA A 84 12.20 6.54 -28.83
C ALA A 84 13.15 6.84 -27.67
N ASN A 85 12.96 8.00 -27.07
CA ASN A 85 13.72 8.41 -25.88
C ASN A 85 12.89 8.27 -24.56
N PHE A 86 11.61 8.00 -24.67
CA PHE A 86 10.72 7.93 -23.54
C PHE A 86 9.93 6.68 -23.61
N LEU A 87 9.70 6.08 -22.46
CA LEU A 87 8.71 5.02 -22.32
C LEU A 87 7.53 5.65 -21.62
N ILE A 88 6.36 5.47 -22.19
CA ILE A 88 5.22 5.93 -21.42
C ILE A 88 4.39 4.78 -20.79
N ARG A 89 4.09 4.88 -19.50
CA ARG A 89 3.27 3.85 -18.86
C ARG A 89 2.21 4.49 -18.02
N GLY A 90 1.10 3.80 -17.84
CA GLY A 90 0.09 4.25 -16.91
C GLY A 90 0.18 3.48 -15.62
N ILE A 91 -0.35 4.10 -14.57
CA ILE A 91 -0.46 3.53 -13.24
C ILE A 91 -1.90 3.62 -12.77
N ARG A 92 -2.46 2.47 -12.45
CA ARG A 92 -3.91 2.41 -12.10
C ARG A 92 -4.20 2.23 -10.63
N ASN A 93 -3.25 1.74 -9.84
CA ASN A 93 -3.42 1.49 -8.41
C ASN A 93 -2.04 1.20 -7.77
N VAL A 94 -2.00 0.87 -6.47
CA VAL A 94 -0.75 0.63 -5.81
C VAL A 94 -0.07 -0.59 -6.34
N LYS A 95 -0.81 -1.64 -6.58
CA LYS A 95 -0.18 -2.77 -7.18
C LYS A 95 0.58 -2.46 -8.53
N ASP A 96 -0.07 -1.72 -9.43
CA ASP A 96 0.51 -1.22 -10.66
C ASP A 96 1.68 -0.28 -10.41
N TYR A 97 1.49 0.66 -9.48
CA TYR A 97 2.63 1.50 -9.07
C TYR A 97 3.88 0.66 -8.71
N GLU A 98 3.77 -0.36 -7.85
CA GLU A 98 5.07 -1.05 -7.45
C GLU A 98 5.64 -1.91 -8.56
N TYR A 99 4.76 -2.45 -9.39
CA TYR A 99 5.13 -3.22 -10.53
C TYR A 99 5.86 -2.33 -11.56
N GLU A 100 5.23 -1.23 -11.93
CA GLU A 100 5.85 -0.36 -12.92
C GLU A 100 7.15 0.22 -12.44
N LYS A 101 7.22 0.46 -11.13
CA LYS A 101 8.40 1.04 -10.55
C LYS A 101 9.58 0.10 -10.68
N ASP A 102 9.39 -1.20 -10.48
CA ASP A 102 10.50 -2.12 -10.54
C ASP A 102 11.02 -2.20 -11.96
N ILE A 103 10.09 -2.29 -12.92
CA ILE A 103 10.43 -2.28 -14.33
C ILE A 103 11.23 -1.04 -14.72
N ALA A 104 10.79 0.12 -14.22
CA ALA A 104 11.35 1.38 -14.64
C ALA A 104 12.74 1.39 -14.12
N LYS A 105 12.90 0.94 -12.89
CA LYS A 105 14.24 0.88 -12.32
C LYS A 105 15.25 -0.04 -13.07
N MET A 106 14.77 -1.19 -13.50
CA MET A 106 15.53 -2.13 -14.26
C MET A 106 15.76 -1.57 -15.65
N ASN A 107 14.78 -0.92 -16.26
CA ASN A 107 15.07 -0.34 -17.55
C ASN A 107 16.13 0.77 -17.44
N GLN A 108 16.12 1.50 -16.33
CA GLN A 108 17.06 2.62 -16.24
C GLN A 108 18.45 2.04 -16.19
N HIS A 109 18.59 0.95 -15.46
CA HIS A 109 19.83 0.18 -15.54
C HIS A 109 20.19 -0.38 -16.96
N LEU A 110 19.24 -0.90 -17.72
CA LEU A 110 19.51 -1.37 -19.05
C LEU A 110 19.84 -0.24 -20.03
N ALA A 111 19.16 0.89 -19.87
CA ALA A 111 19.19 1.95 -20.87
C ALA A 111 18.91 3.29 -20.17
N PRO A 112 19.93 3.81 -19.46
CA PRO A 112 19.76 4.95 -18.56
C PRO A 112 19.52 6.18 -19.37
N GLU A 113 19.52 6.05 -20.67
CA GLU A 113 19.34 7.25 -21.43
C GLU A 113 17.87 7.35 -21.85
N ILE A 114 17.15 6.27 -21.60
CA ILE A 114 15.70 6.21 -21.81
C ILE A 114 14.93 6.58 -20.57
N GLU A 115 14.07 7.56 -20.69
CA GLU A 115 13.23 7.97 -19.53
C GLU A 115 11.88 7.31 -19.50
N THR A 116 11.45 6.85 -18.31
CA THR A 116 10.08 6.37 -18.19
C THR A 116 9.19 7.49 -17.63
N VAL A 117 8.09 7.74 -18.29
CA VAL A 117 7.20 8.84 -17.89
C VAL A 117 5.87 8.20 -17.48
N PHE A 118 5.15 8.74 -16.51
CA PHE A 118 3.98 8.00 -16.01
C PHE A 118 2.73 8.86 -16.04
N LEU A 119 1.59 8.25 -16.36
CA LEU A 119 0.33 8.94 -16.32
C LEU A 119 -0.62 8.15 -15.44
N LEU A 120 -1.40 8.84 -14.63
CA LEU A 120 -2.40 8.12 -13.86
C LEU A 120 -3.59 7.74 -14.70
N ALA A 121 -4.15 6.54 -14.46
CA ALA A 121 -5.34 6.08 -15.20
C ALA A 121 -6.53 6.99 -14.95
N GLU A 122 -7.33 7.21 -15.98
CA GLU A 122 -8.48 8.08 -15.74
C GLU A 122 -9.49 7.27 -14.89
N GLU A 123 -10.03 7.91 -13.86
CA GLU A 123 -10.88 7.26 -12.85
C GLU A 123 -11.85 6.15 -13.31
N PRO A 124 -12.66 6.41 -14.34
CA PRO A 124 -13.58 5.37 -14.85
C PRO A 124 -12.94 4.08 -15.40
N TYR A 125 -11.65 4.06 -15.74
CA TYR A 125 -10.96 2.83 -16.18
C TYR A 125 -9.91 2.29 -15.20
N ALA A 126 -9.82 2.89 -14.03
CA ALA A 126 -8.86 2.52 -13.00
C ALA A 126 -8.99 1.06 -12.51
N HIS A 127 -10.21 0.52 -12.59
CA HIS A 127 -10.43 -0.87 -12.20
C HIS A 127 -10.20 -1.91 -13.31
N VAL A 128 -9.99 -1.47 -14.54
CA VAL A 128 -10.02 -2.39 -15.66
C VAL A 128 -8.61 -2.89 -15.88
N SER A 129 -8.40 -4.19 -15.69
CA SER A 129 -7.13 -4.75 -16.11
C SER A 129 -7.46 -5.73 -17.24
N SER A 130 -6.47 -6.08 -18.09
CA SER A 130 -6.87 -6.82 -19.24
C SER A 130 -7.27 -8.21 -18.82
N SER A 131 -6.92 -8.57 -17.60
CA SER A 131 -7.13 -9.94 -17.20
C SER A 131 -8.52 -10.08 -16.58
N LEU A 132 -8.95 -9.04 -15.86
CA LEU A 132 -10.30 -9.01 -15.33
C LEU A 132 -11.26 -8.90 -16.51
N LEU A 133 -10.78 -8.27 -17.56
CA LEU A 133 -11.65 -7.95 -18.66
C LEU A 133 -11.85 -9.19 -19.51
N LYS A 134 -10.80 -9.98 -19.66
CA LYS A 134 -10.92 -11.29 -20.33
C LYS A 134 -11.82 -12.25 -19.56
N GLU A 135 -11.64 -12.32 -18.25
CA GLU A 135 -12.59 -13.06 -17.42
C GLU A 135 -14.04 -12.65 -17.71
N VAL A 136 -14.30 -11.35 -17.82
CA VAL A 136 -15.68 -10.96 -17.92
C VAL A 136 -16.23 -11.29 -19.31
N LEU A 137 -15.43 -11.03 -20.37
CA LEU A 137 -15.78 -11.42 -21.75
C LEU A 137 -16.01 -12.90 -21.86
N ARG A 138 -15.19 -13.65 -21.16
CA ARG A 138 -15.28 -15.10 -21.18
C ARG A 138 -16.55 -15.63 -20.51
N PHE A 139 -17.32 -14.78 -19.83
CA PHE A 139 -18.61 -15.19 -19.26
C PHE A 139 -19.73 -14.42 -19.90
N GLY A 140 -19.41 -13.66 -20.95
CA GLY A 140 -20.43 -12.92 -21.67
C GLY A 140 -20.99 -11.66 -21.01
N GLY A 141 -20.34 -11.10 -19.98
CA GLY A 141 -20.77 -9.79 -19.51
C GLY A 141 -20.58 -8.65 -20.50
N ASP A 142 -21.42 -7.65 -20.41
CA ASP A 142 -21.32 -6.55 -21.32
C ASP A 142 -20.24 -5.59 -20.90
N VAL A 143 -19.06 -5.68 -21.50
CA VAL A 143 -18.02 -4.68 -21.25
C VAL A 143 -17.78 -3.68 -22.39
N SER A 144 -18.85 -3.40 -23.12
CA SER A 144 -18.72 -2.66 -24.37
C SER A 144 -18.31 -1.22 -24.14
N ASP A 145 -18.80 -0.61 -23.06
CA ASP A 145 -18.28 0.70 -22.67
C ASP A 145 -16.75 0.76 -22.43
N TYR A 146 -16.10 -0.36 -22.19
CA TYR A 146 -14.68 -0.33 -21.87
C TYR A 146 -13.84 -0.51 -23.11
N LEU A 147 -14.47 -0.83 -24.22
CA LEU A 147 -13.75 -1.07 -25.46
C LEU A 147 -14.11 -0.06 -26.53
N PRO A 148 -13.14 0.25 -27.40
CA PRO A 148 -13.39 1.12 -28.55
C PRO A 148 -14.40 0.41 -29.44
N PRO A 149 -15.48 1.11 -29.80
CA PRO A 149 -16.54 0.59 -30.68
C PRO A 149 -16.03 -0.47 -31.67
N ASN A 150 -14.92 -0.20 -32.35
CA ASN A 150 -14.41 -1.09 -33.41
C ASN A 150 -13.77 -2.37 -32.95
N ILE A 151 -13.09 -2.34 -31.81
CA ILE A 151 -12.51 -3.55 -31.23
C ILE A 151 -13.63 -4.49 -30.77
N TYR A 152 -14.70 -3.87 -30.26
CA TYR A 152 -15.87 -4.56 -29.77
C TYR A 152 -16.59 -5.31 -30.94
N HIS A 153 -16.93 -4.60 -32.05
CA HIS A 153 -17.52 -5.27 -33.25
C HIS A 153 -16.60 -6.39 -33.69
N ALA A 154 -15.37 -6.05 -34.02
CA ALA A 154 -14.41 -7.03 -34.48
C ALA A 154 -14.41 -8.23 -33.59
N LEU A 155 -14.85 -8.01 -32.36
CA LEU A 155 -14.73 -9.03 -31.33
C LEU A 155 -15.93 -9.96 -31.23
N LYS A 156 -17.14 -9.43 -31.29
CA LYS A 156 -18.31 -10.27 -31.42
C LYS A 156 -18.01 -11.29 -32.54
N GLN A 157 -17.79 -10.73 -33.74
CA GLN A 157 -17.55 -11.48 -34.97
C GLN A 157 -16.68 -12.68 -34.72
N LYS A 158 -15.51 -12.47 -34.12
CA LYS A 158 -14.60 -13.59 -33.95
C LYS A 158 -14.78 -14.25 -32.58
N MET B 1 3.78 23.88 -31.09
CA MET B 1 4.25 24.91 -30.10
C MET B 1 4.99 24.29 -28.92
N ARG B 2 5.73 25.14 -28.19
CA ARG B 2 6.32 24.84 -26.89
C ARG B 2 5.37 24.05 -25.96
N LYS B 3 5.95 23.04 -25.33
CA LYS B 3 5.27 22.34 -24.24
C LYS B 3 5.91 22.77 -22.96
N ILE B 4 5.12 23.43 -22.13
CA ILE B 4 5.62 24.07 -20.93
C ILE B 4 5.07 23.38 -19.69
N ALA B 5 5.95 23.07 -18.77
CA ALA B 5 5.49 22.45 -17.55
C ALA B 5 5.83 23.30 -16.39
N LEU B 6 4.91 23.31 -15.42
CA LEU B 6 5.09 23.95 -14.17
C LEU B 6 5.38 22.87 -13.14
N PHE B 7 6.41 23.12 -12.34
CA PHE B 7 6.84 22.28 -11.27
C PHE B 7 6.61 23.03 -9.98
N PRO B 8 5.48 22.79 -9.35
CA PRO B 8 5.08 23.46 -8.11
C PRO B 8 5.88 22.91 -6.90
N GLY B 9 5.81 23.55 -5.75
CA GLY B 9 6.70 23.15 -4.64
C GLY B 9 7.06 24.33 -3.72
N SER B 10 7.49 24.03 -2.50
CA SER B 10 7.98 25.14 -1.70
C SER B 10 9.44 25.01 -1.45
N PHE B 11 10.04 23.92 -1.91
CA PHE B 11 11.48 23.87 -1.96
C PHE B 11 12.07 24.44 -0.68
N ASP B 12 11.65 23.86 0.42
CA ASP B 12 12.03 24.36 1.71
C ASP B 12 12.66 23.23 2.50
N PRO B 13 13.93 22.98 2.25
CA PRO B 13 14.76 23.49 1.17
C PRO B 13 14.64 22.61 -0.10
N MET B 14 15.25 23.06 -1.19
CA MET B 14 15.41 22.34 -2.43
C MET B 14 16.49 21.31 -2.22
N THR B 15 16.31 20.10 -2.77
CA THR B 15 17.20 18.98 -2.51
C THR B 15 17.82 18.61 -3.80
N ASN B 16 18.88 17.84 -3.75
CA ASN B 16 19.28 17.14 -4.90
C ASN B 16 18.18 16.31 -5.62
N GLY B 17 17.20 15.81 -4.87
CA GLY B 17 16.08 15.06 -5.47
C GLY B 17 15.21 15.93 -6.34
N HIS B 18 14.91 17.12 -5.85
CA HIS B 18 14.31 18.11 -6.71
C HIS B 18 15.11 18.37 -8.00
N LEU B 19 16.42 18.54 -7.87
CA LEU B 19 17.26 18.90 -9.01
C LEU B 19 17.13 17.81 -10.00
N ASN B 20 17.30 16.56 -9.53
CA ASN B 20 17.18 15.40 -10.40
C ASN B 20 15.89 15.42 -11.26
N LEU B 21 14.75 15.71 -10.62
CA LEU B 21 13.46 15.74 -11.30
C LEU B 21 13.37 16.90 -12.36
N ILE B 22 13.89 18.06 -11.95
CA ILE B 22 14.12 19.20 -12.85
C ILE B 22 15.07 18.81 -13.97
N GLU B 23 16.26 18.30 -13.65
CA GLU B 23 17.11 17.85 -14.76
C GLU B 23 16.35 16.92 -15.66
N ARG B 24 15.61 15.96 -15.10
CA ARG B 24 14.93 14.96 -15.97
C ARG B 24 13.81 15.55 -16.78
N SER B 25 13.07 16.48 -16.19
CA SER B 25 11.95 16.97 -16.93
C SER B 25 12.34 18.08 -17.91
N ALA B 26 13.52 18.67 -17.76
CA ALA B 26 14.02 19.64 -18.77
C ALA B 26 14.32 18.94 -20.10
N LYS B 27 14.44 17.61 -20.07
CA LYS B 27 14.68 16.82 -21.27
C LYS B 27 13.35 16.48 -21.84
N LEU B 28 12.32 16.56 -21.00
CA LEU B 28 11.04 16.11 -21.47
C LEU B 28 10.28 17.28 -22.07
N PHE B 29 10.27 18.40 -21.40
CA PHE B 29 9.43 19.49 -21.89
C PHE B 29 10.34 20.54 -22.56
N ASP B 30 9.77 21.31 -23.49
CA ASP B 30 10.47 22.50 -24.09
C ASP B 30 10.93 23.44 -23.00
N GLU B 31 10.07 23.65 -22.04
CA GLU B 31 10.54 24.35 -20.87
C GLU B 31 9.77 24.07 -19.58
N VAL B 32 10.47 24.32 -18.49
CA VAL B 32 10.05 23.97 -17.17
C VAL B 32 10.11 25.18 -16.29
N ILE B 33 8.99 25.52 -15.66
CA ILE B 33 8.95 26.65 -14.75
C ILE B 33 8.88 26.13 -13.35
N ILE B 34 9.83 26.51 -12.53
CA ILE B 34 9.85 26.17 -11.14
C ILE B 34 9.01 27.17 -10.33
N GLY B 35 7.86 26.74 -9.86
CA GLY B 35 6.97 27.65 -9.21
C GLY B 35 7.15 27.55 -7.71
N VAL B 36 7.85 28.52 -7.12
CA VAL B 36 8.13 28.46 -5.71
C VAL B 36 6.98 29.14 -4.95
N PHE B 37 6.14 28.32 -4.34
CA PHE B 37 4.91 28.81 -3.69
C PHE B 37 5.25 29.36 -2.30
N ILE B 38 4.98 30.66 -2.12
CA ILE B 38 5.10 31.34 -0.83
C ILE B 38 3.77 32.04 -0.50
N LEU B 45 12.32 31.91 6.68
CA LEU B 45 13.60 31.22 6.54
C LEU B 45 14.63 32.18 5.91
N PHE B 46 14.36 32.59 4.66
CA PHE B 46 15.02 33.69 3.92
C PHE B 46 14.01 34.38 2.96
N THR B 47 14.50 35.40 2.28
CA THR B 47 13.72 36.25 1.42
C THR B 47 13.23 35.65 0.11
N PRO B 48 12.04 36.07 -0.26
CA PRO B 48 11.35 35.59 -1.43
C PRO B 48 12.27 35.91 -2.52
N GLU B 49 13.02 36.96 -2.36
CA GLU B 49 14.08 37.18 -3.28
C GLU B 49 15.19 36.13 -3.22
N GLU B 50 15.50 35.65 -2.02
CA GLU B 50 16.71 34.89 -1.77
C GLU B 50 16.58 33.46 -2.27
N LYS B 51 15.39 32.91 -2.11
CA LYS B 51 15.11 31.55 -2.53
C LYS B 51 15.22 31.51 -4.05
N LYS B 52 14.60 32.50 -4.69
CA LYS B 52 14.66 32.61 -6.13
C LYS B 52 16.10 32.55 -6.54
N TYR B 53 16.88 33.46 -5.96
CA TYR B 53 18.27 33.53 -6.25
C TYR B 53 18.87 32.12 -6.16
N LEU B 54 18.74 31.50 -5.00
CA LEU B 54 19.36 30.20 -4.75
C LEU B 54 18.99 29.10 -5.76
N ILE B 55 17.70 29.00 -6.05
CA ILE B 55 17.22 28.01 -6.97
C ILE B 55 17.74 28.30 -8.35
N GLU B 56 17.72 29.57 -8.71
CA GLU B 56 18.23 29.98 -10.01
C GLU B 56 19.63 29.57 -10.14
N GLU B 57 20.40 29.81 -9.09
CA GLU B 57 21.79 29.43 -9.06
C GLU B 57 21.85 27.93 -9.25
N ALA B 58 21.06 27.16 -8.51
CA ALA B 58 21.22 25.71 -8.57
C ALA B 58 20.76 25.13 -9.92
N THR B 59 19.85 25.81 -10.59
CA THR B 59 19.41 25.34 -11.88
C THR B 59 20.02 26.04 -13.05
N LYS B 60 21.05 26.84 -12.80
CA LYS B 60 21.74 27.67 -13.81
C LYS B 60 22.20 26.93 -15.08
N GLU B 61 22.64 25.68 -14.94
CA GLU B 61 23.13 24.90 -16.07
C GLU B 61 22.07 24.53 -17.08
N MET B 62 20.78 24.66 -16.74
CA MET B 62 19.69 24.20 -17.61
C MET B 62 19.07 25.37 -18.35
N PRO B 63 19.37 25.49 -19.65
CA PRO B 63 18.95 26.74 -20.33
C PRO B 63 17.43 26.91 -20.39
N ASN B 64 16.68 25.82 -20.53
CA ASN B 64 15.21 25.89 -20.61
C ASN B 64 14.40 25.86 -19.29
N VAL B 65 15.04 26.19 -18.19
CA VAL B 65 14.44 26.10 -16.87
C VAL B 65 14.48 27.50 -16.34
N ARG B 66 13.34 27.99 -15.83
CA ARG B 66 13.33 29.25 -15.13
C ARG B 66 12.45 29.30 -13.87
N VAL B 67 12.68 30.30 -13.03
CA VAL B 67 12.13 30.35 -11.69
C VAL B 67 11.18 31.54 -11.57
N ILE B 68 10.01 31.28 -11.00
CA ILE B 68 8.96 32.28 -10.84
C ILE B 68 8.35 32.11 -9.47
N MET B 69 8.51 33.14 -8.66
CA MET B 69 7.99 33.11 -7.33
C MET B 69 6.49 33.28 -7.43
N GLN B 70 5.75 32.41 -6.77
CA GLN B 70 4.32 32.54 -6.88
C GLN B 70 3.63 32.93 -5.60
N GLU B 71 2.78 33.94 -5.69
CA GLU B 71 1.87 34.24 -4.59
C GLU B 71 0.91 33.07 -4.52
N THR B 72 0.44 32.78 -3.33
CA THR B 72 -0.36 31.60 -3.11
C THR B 72 -1.69 31.69 -3.83
N GLN B 73 -1.89 30.76 -4.75
CA GLN B 73 -3.13 30.63 -5.48
C GLN B 73 -3.27 29.16 -5.92
N LEU B 74 -4.38 28.85 -6.58
CA LEU B 74 -4.52 27.57 -7.21
C LEU B 74 -3.38 27.38 -8.20
N THR B 75 -2.61 26.29 -8.00
CA THR B 75 -1.56 25.87 -8.95
C THR B 75 -2.08 25.82 -10.39
N VAL B 76 -3.31 25.36 -10.58
CA VAL B 76 -3.75 25.32 -11.95
C VAL B 76 -3.97 26.69 -12.49
N GLU B 77 -4.23 27.67 -11.63
CA GLU B 77 -4.48 29.03 -12.13
C GLU B 77 -3.15 29.67 -12.48
N SER B 78 -2.21 29.45 -11.61
CA SER B 78 -0.86 29.72 -11.87
C SER B 78 -0.36 29.04 -13.17
N ALA B 79 -0.69 27.79 -13.44
CA ALA B 79 -0.25 27.24 -14.73
C ALA B 79 -0.96 27.88 -15.94
N LYS B 80 -2.26 28.06 -15.85
CA LYS B 80 -3.05 28.71 -16.89
C LYS B 80 -2.35 30.01 -17.27
N SER B 81 -2.01 30.79 -16.26
CA SER B 81 -1.32 32.03 -16.48
C SER B 81 -0.03 31.98 -17.24
N LEU B 82 0.67 30.85 -17.24
CA LEU B 82 2.01 30.93 -17.76
C LEU B 82 2.01 30.21 -19.08
N GLY B 83 0.85 29.83 -19.54
CA GLY B 83 0.81 28.94 -20.68
C GLY B 83 1.35 27.52 -20.47
N ALA B 84 1.49 27.07 -19.21
CA ALA B 84 1.92 25.69 -18.87
C ALA B 84 0.71 24.79 -18.92
N ASN B 85 0.68 23.86 -19.86
CA ASN B 85 -0.47 23.00 -19.97
C ASN B 85 -0.17 21.66 -19.26
N PHE B 86 0.96 21.62 -18.54
CA PHE B 86 1.47 20.42 -17.90
C PHE B 86 2.01 20.73 -16.57
N LEU B 87 1.72 19.83 -15.64
CA LEU B 87 2.24 19.86 -14.27
C LEU B 87 3.20 18.65 -14.14
N ILE B 88 4.38 18.87 -13.62
CA ILE B 88 5.29 17.81 -13.44
C ILE B 88 5.51 17.54 -11.93
N ARG B 89 5.29 16.28 -11.52
CA ARG B 89 5.43 15.87 -10.11
C ARG B 89 6.26 14.61 -10.01
N GLY B 90 6.88 14.43 -8.86
CA GLY B 90 7.58 13.20 -8.54
C GLY B 90 6.69 12.36 -7.66
N ILE B 91 6.97 11.07 -7.72
CA ILE B 91 6.48 10.13 -6.75
C ILE B 91 7.66 9.35 -6.16
N ARG B 92 7.72 9.31 -4.82
CA ARG B 92 8.83 8.62 -4.15
C ARG B 92 8.40 7.34 -3.43
N ASN B 93 7.13 7.25 -3.01
CA ASN B 93 6.66 6.02 -2.33
C ASN B 93 5.13 5.97 -2.33
N VAL B 94 4.55 4.92 -1.76
CA VAL B 94 3.13 4.72 -1.91
C VAL B 94 2.33 5.79 -1.22
N LYS B 95 2.85 6.34 -0.15
CA LYS B 95 2.08 7.38 0.50
C LYS B 95 2.07 8.60 -0.43
N ASP B 96 3.19 8.80 -1.15
CA ASP B 96 3.36 9.86 -2.09
C ASP B 96 2.40 9.71 -3.27
N TYR B 97 2.48 8.56 -3.91
CA TYR B 97 1.51 8.18 -4.93
C TYR B 97 0.05 8.57 -4.56
N GLU B 98 -0.41 8.18 -3.37
CA GLU B 98 -1.84 8.43 -3.02
C GLU B 98 -2.16 9.86 -2.77
N TYR B 99 -1.27 10.55 -2.08
CA TYR B 99 -1.36 12.01 -1.99
C TYR B 99 -1.38 12.76 -3.38
N GLU B 100 -0.41 12.51 -4.27
CA GLU B 100 -0.34 13.17 -5.60
C GLU B 100 -1.52 12.80 -6.46
N LYS B 101 -1.92 11.53 -6.40
CA LYS B 101 -3.07 11.09 -7.19
C LYS B 101 -4.31 11.89 -6.83
N ASP B 102 -4.58 12.09 -5.55
CA ASP B 102 -5.70 12.90 -5.14
C ASP B 102 -5.67 14.33 -5.79
N ILE B 103 -4.47 14.90 -5.79
CA ILE B 103 -4.21 16.25 -6.21
C ILE B 103 -4.44 16.41 -7.69
N ALA B 104 -3.90 15.47 -8.45
CA ALA B 104 -4.06 15.43 -9.90
C ALA B 104 -5.51 15.32 -10.29
N LYS B 105 -6.28 14.52 -9.54
CA LYS B 105 -7.69 14.31 -9.84
C LYS B 105 -8.51 15.55 -9.56
N MET B 106 -8.20 16.21 -8.47
CA MET B 106 -8.82 17.47 -8.16
C MET B 106 -8.34 18.51 -9.17
N ASN B 107 -7.07 18.43 -9.59
CA ASN B 107 -6.60 19.33 -10.66
C ASN B 107 -7.27 19.06 -11.99
N GLN B 108 -7.64 17.82 -12.21
CA GLN B 108 -8.18 17.51 -13.51
C GLN B 108 -9.60 18.06 -13.48
N HIS B 109 -10.22 18.04 -12.30
CA HIS B 109 -11.52 18.61 -12.17
C HIS B 109 -11.48 20.13 -12.33
N LEU B 110 -10.44 20.79 -11.83
CA LEU B 110 -10.38 22.25 -11.89
C LEU B 110 -9.90 22.81 -13.23
N ALA B 111 -8.97 22.08 -13.84
CA ALA B 111 -8.43 22.50 -15.12
C ALA B 111 -8.25 21.31 -16.00
N PRO B 112 -9.34 20.86 -16.62
CA PRO B 112 -9.33 19.66 -17.45
C PRO B 112 -8.32 19.66 -18.60
N GLU B 113 -7.83 20.84 -18.98
CA GLU B 113 -6.97 20.97 -20.11
C GLU B 113 -5.48 20.74 -19.71
N ILE B 114 -5.22 20.83 -18.40
CA ILE B 114 -3.88 20.65 -17.87
C ILE B 114 -3.65 19.18 -17.49
N GLU B 115 -2.59 18.57 -18.03
CA GLU B 115 -2.19 17.22 -17.68
C GLU B 115 -1.14 17.21 -16.63
N THR B 116 -1.41 16.50 -15.52
CA THR B 116 -0.32 16.16 -14.58
C THR B 116 0.46 14.97 -15.10
N VAL B 117 1.78 15.09 -15.18
CA VAL B 117 2.72 14.00 -15.55
C VAL B 117 3.62 13.64 -14.37
N PHE B 118 4.02 12.37 -14.22
CA PHE B 118 4.81 11.96 -13.04
C PHE B 118 6.14 11.35 -13.37
N LEU B 119 7.14 11.56 -12.53
CA LEU B 119 8.38 10.76 -12.65
C LEU B 119 8.59 10.19 -11.28
N LEU B 120 9.29 9.06 -11.25
CA LEU B 120 9.61 8.46 -10.02
C LEU B 120 10.93 8.95 -9.55
N ALA B 121 11.00 9.05 -8.24
CA ALA B 121 12.20 9.50 -7.57
C ALA B 121 13.38 8.60 -7.90
N GLU B 122 14.58 9.14 -7.93
CA GLU B 122 15.74 8.33 -8.20
C GLU B 122 16.06 7.71 -6.85
N GLU B 123 16.46 6.44 -6.84
CA GLU B 123 16.47 5.66 -5.58
C GLU B 123 17.33 6.24 -4.50
N PRO B 124 18.49 6.88 -4.84
CA PRO B 124 19.20 7.55 -3.76
C PRO B 124 18.38 8.62 -3.01
N TYR B 125 17.34 9.20 -3.63
CA TYR B 125 16.53 10.30 -3.00
C TYR B 125 15.12 9.90 -2.52
N ALA B 126 14.73 8.66 -2.75
CA ALA B 126 13.35 8.23 -2.50
C ALA B 126 12.93 8.36 -1.06
N HIS B 127 13.88 8.31 -0.16
CA HIS B 127 13.60 8.43 1.25
C HIS B 127 13.63 9.86 1.79
N VAL B 128 13.98 10.82 0.97
CA VAL B 128 14.24 12.17 1.48
C VAL B 128 12.94 12.99 1.38
N SER B 129 12.39 13.41 2.51
CA SER B 129 11.32 14.42 2.52
C SER B 129 11.83 15.66 3.21
N SER B 130 11.09 16.73 3.04
CA SER B 130 11.60 17.96 3.53
C SER B 130 11.43 17.99 5.04
N SER B 131 10.36 17.41 5.57
CA SER B 131 10.29 17.42 7.02
C SER B 131 11.31 16.50 7.68
N LEU B 132 11.71 15.42 7.03
CA LEU B 132 12.74 14.60 7.64
C LEU B 132 14.10 15.30 7.56
N LEU B 133 14.35 15.98 6.45
CA LEU B 133 15.62 16.66 6.21
C LEU B 133 15.76 17.68 7.31
N LYS B 134 14.65 18.34 7.61
CA LYS B 134 14.64 19.34 8.66
C LYS B 134 14.83 18.81 10.07
N GLU B 135 14.40 17.58 10.34
CA GLU B 135 14.66 16.96 11.61
C GLU B 135 16.16 16.82 11.64
N VAL B 136 16.77 16.21 10.64
CA VAL B 136 18.19 16.00 10.72
C VAL B 136 18.99 17.30 10.89
N LEU B 137 18.57 18.37 10.23
CA LEU B 137 19.29 19.64 10.31
C LEU B 137 19.18 20.19 11.72
N ARG B 138 17.95 20.27 12.22
CA ARG B 138 17.72 20.66 13.59
C ARG B 138 18.76 20.01 14.51
N PHE B 139 18.85 18.69 14.50
CA PHE B 139 19.79 17.95 15.33
C PHE B 139 21.26 17.93 14.88
N GLY B 140 21.65 18.79 13.94
CA GLY B 140 23.05 18.83 13.49
C GLY B 140 23.61 17.71 12.61
N GLY B 141 22.77 16.93 11.93
CA GLY B 141 23.29 15.82 11.08
C GLY B 141 23.89 16.17 9.73
N ASP B 142 24.84 15.38 9.26
CA ASP B 142 25.42 15.72 7.97
C ASP B 142 24.55 15.29 6.80
N VAL B 143 23.74 16.22 6.31
CA VAL B 143 22.87 15.98 5.14
C VAL B 143 23.30 16.69 3.87
N SER B 144 24.61 16.97 3.79
CA SER B 144 25.14 17.75 2.68
C SER B 144 25.05 17.01 1.36
N ASP B 145 25.22 15.69 1.36
CA ASP B 145 25.09 14.96 0.09
C ASP B 145 23.66 15.11 -0.52
N TYR B 146 22.68 15.54 0.28
CA TYR B 146 21.36 15.68 -0.28
C TYR B 146 21.05 17.10 -0.75
N LEU B 147 21.97 18.04 -0.55
CA LEU B 147 21.67 19.42 -0.94
C LEU B 147 22.58 19.91 -2.08
N PRO B 148 22.02 20.71 -3.00
CA PRO B 148 22.80 21.43 -4.02
C PRO B 148 23.86 22.24 -3.27
N PRO B 149 25.16 22.08 -3.64
CA PRO B 149 26.27 22.78 -2.97
C PRO B 149 25.92 24.24 -2.57
N ASN B 150 25.39 25.05 -3.50
CA ASN B 150 25.05 26.43 -3.12
C ASN B 150 24.06 26.54 -2.01
N ILE B 151 23.13 25.61 -1.95
CA ILE B 151 22.04 25.67 -0.97
C ILE B 151 22.50 25.21 0.42
N TYR B 152 23.51 24.35 0.45
CA TYR B 152 24.12 23.91 1.68
C TYR B 152 24.98 25.06 2.23
N HIS B 153 25.91 25.57 1.42
CA HIS B 153 26.71 26.75 1.79
C HIS B 153 25.77 27.86 2.28
N ALA B 154 24.74 28.18 1.52
CA ALA B 154 23.87 29.26 1.92
C ALA B 154 23.10 28.91 3.17
N LEU B 155 23.28 27.69 3.68
CA LEU B 155 22.45 27.22 4.78
C LEU B 155 23.17 27.24 6.12
N LYS B 156 24.44 26.83 6.13
CA LYS B 156 25.23 26.88 7.36
C LYS B 156 25.04 28.25 8.07
N GLN B 157 24.80 29.30 7.28
CA GLN B 157 24.66 30.67 7.79
C GLN B 157 23.35 30.98 8.53
N LYS B 158 22.91 30.15 9.47
CA LYS B 158 21.79 30.48 10.38
C LYS B 158 21.71 29.59 11.64
N MET C 1 21.25 -16.72 24.82
CA MET C 1 21.41 -18.20 24.56
C MET C 1 22.53 -18.39 23.45
N ARG C 2 22.30 -19.17 22.39
CA ARG C 2 23.12 -19.02 21.18
C ARG C 2 22.23 -18.67 19.95
N LYS C 3 22.72 -17.86 19.02
CA LYS C 3 21.76 -17.29 18.04
C LYS C 3 22.11 -17.66 16.63
N ILE C 4 21.26 -18.55 16.14
CA ILE C 4 21.39 -19.25 14.89
C ILE C 4 20.15 -18.94 14.01
N ALA C 5 20.44 -18.62 12.74
CA ALA C 5 19.46 -18.13 11.79
C ALA C 5 19.50 -18.88 10.47
N LEU C 6 18.30 -19.21 10.04
CA LEU C 6 18.09 -19.87 8.76
C LEU C 6 17.62 -18.79 7.78
N PHE C 7 18.35 -18.68 6.69
CA PHE C 7 17.97 -17.83 5.58
C PHE C 7 17.47 -18.76 4.48
N PRO C 8 16.15 -19.01 4.41
CA PRO C 8 15.61 -19.87 3.34
C PRO C 8 15.57 -19.12 1.99
N GLY C 9 15.70 -19.84 0.88
CA GLY C 9 15.30 -19.31 -0.41
C GLY C 9 15.49 -20.33 -1.53
N SER C 10 15.11 -19.97 -2.75
CA SER C 10 15.45 -20.78 -3.93
C SER C 10 16.71 -20.33 -4.63
N PHE C 11 17.10 -19.09 -4.39
CA PHE C 11 18.33 -18.52 -4.96
C PHE C 11 18.52 -18.93 -6.41
N ASP C 12 17.46 -18.71 -7.20
CA ASP C 12 17.48 -18.99 -8.62
C ASP C 12 17.33 -17.73 -9.46
N PRO C 13 18.45 -17.08 -9.79
CA PRO C 13 19.76 -17.37 -9.22
C PRO C 13 19.96 -16.55 -7.95
N MET C 14 21.16 -16.59 -7.40
CA MET C 14 21.51 -15.81 -6.22
C MET C 14 22.06 -14.42 -6.64
N THR C 15 21.46 -13.35 -6.07
CA THR C 15 21.84 -12.00 -6.44
C THR C 15 22.79 -11.38 -5.44
N ASN C 16 23.32 -10.21 -5.80
CA ASN C 16 23.98 -9.36 -4.85
C ASN C 16 23.03 -8.90 -3.72
N GLY C 17 21.72 -8.86 -4.00
CA GLY C 17 20.77 -8.51 -2.96
C GLY C 17 20.76 -9.56 -1.87
N HIS C 18 20.81 -10.84 -2.26
CA HIS C 18 20.85 -11.93 -1.32
C HIS C 18 22.09 -11.85 -0.40
N LEU C 19 23.24 -11.80 -1.04
CA LEU C 19 24.50 -11.52 -0.47
C LEU C 19 24.53 -10.36 0.52
N ASN C 20 24.05 -9.19 0.09
CA ASN C 20 23.94 -8.05 1.01
C ASN C 20 23.27 -8.45 2.32
N LEU C 21 22.14 -9.14 2.18
CA LEU C 21 21.37 -9.63 3.34
C LEU C 21 22.11 -10.67 4.18
N ILE C 22 22.82 -11.56 3.50
CA ILE C 22 23.63 -12.52 4.22
C ILE C 22 24.71 -11.80 5.06
N GLU C 23 25.43 -10.87 4.43
CA GLU C 23 26.48 -10.10 5.11
C GLU C 23 25.93 -9.32 6.26
N ARG C 24 24.81 -8.65 6.05
CA ARG C 24 24.26 -7.90 7.14
C ARG C 24 23.87 -8.87 8.25
N SER C 25 23.35 -10.03 7.90
CA SER C 25 22.86 -10.94 8.95
C SER C 25 23.98 -11.75 9.61
N ALA C 26 25.02 -12.03 8.86
CA ALA C 26 26.26 -12.53 9.45
C ALA C 26 26.88 -11.67 10.61
N LYS C 27 26.52 -10.39 10.75
CA LYS C 27 26.90 -9.53 11.87
C LYS C 27 25.91 -9.51 13.02
N LEU C 28 24.72 -10.00 12.79
CA LEU C 28 23.72 -10.00 13.85
C LEU C 28 23.78 -11.32 14.61
N PHE C 29 24.09 -12.42 13.91
CA PHE C 29 23.90 -13.75 14.43
C PHE C 29 25.20 -14.57 14.69
N ASP C 30 25.20 -15.34 15.77
CA ASP C 30 26.27 -16.26 15.99
C ASP C 30 26.51 -17.00 14.73
N GLU C 31 25.43 -17.46 14.10
CA GLU C 31 25.62 -18.04 12.79
C GLU C 31 24.39 -18.02 11.88
N VAL C 32 24.65 -18.15 10.59
CA VAL C 32 23.61 -18.00 9.62
C VAL C 32 23.75 -19.13 8.68
N ILE C 33 22.69 -19.90 8.48
CA ILE C 33 22.65 -21.01 7.49
C ILE C 33 21.80 -20.66 6.27
N ILE C 34 22.28 -20.97 5.08
CA ILE C 34 21.56 -20.68 3.90
C ILE C 34 20.83 -21.91 3.37
N GLY C 35 19.51 -21.88 3.44
CA GLY C 35 18.73 -23.02 3.04
C GLY C 35 18.35 -22.99 1.58
N VAL C 36 19.13 -23.63 0.71
CA VAL C 36 18.76 -23.74 -0.69
C VAL C 36 17.67 -24.81 -0.95
N PHE C 37 16.41 -24.40 -0.91
CA PHE C 37 15.28 -25.33 -1.07
C PHE C 37 15.15 -25.72 -2.55
N ILE C 38 15.39 -27.00 -2.86
CA ILE C 38 15.37 -27.50 -4.26
C ILE C 38 13.98 -27.90 -4.83
N LEU C 45 18.40 -26.05 -15.10
CA LEU C 45 19.37 -24.99 -14.85
C LEU C 45 20.75 -25.62 -14.54
N PHE C 46 20.94 -26.08 -13.30
CA PHE C 46 22.20 -26.68 -12.79
C PHE C 46 21.91 -27.66 -11.64
N THR C 47 22.84 -28.58 -11.42
CA THR C 47 22.65 -29.58 -10.35
C THR C 47 22.91 -29.01 -8.95
N PRO C 48 22.12 -29.45 -7.94
CA PRO C 48 22.29 -29.00 -6.55
C PRO C 48 23.74 -28.85 -6.09
N GLU C 49 24.63 -29.72 -6.55
CA GLU C 49 26.07 -29.63 -6.22
C GLU C 49 26.57 -28.26 -6.57
N GLU C 50 26.27 -27.82 -7.79
CA GLU C 50 26.74 -26.54 -8.31
C GLU C 50 26.06 -25.39 -7.58
N LYS C 51 24.74 -25.41 -7.53
CA LYS C 51 23.99 -24.47 -6.72
C LYS C 51 24.67 -24.32 -5.37
N LYS C 52 24.84 -25.42 -4.64
CA LYS C 52 25.54 -25.40 -3.32
C LYS C 52 26.95 -24.85 -3.41
N TYR C 53 27.66 -25.24 -4.46
CA TYR C 53 29.05 -24.89 -4.63
C TYR C 53 29.23 -23.39 -4.87
N LEU C 54 28.46 -22.89 -5.83
CA LEU C 54 28.42 -21.49 -6.23
C LEU C 54 28.13 -20.57 -5.05
N ILE C 55 27.14 -20.94 -4.26
CA ILE C 55 26.70 -20.14 -3.14
C ILE C 55 27.79 -20.11 -2.07
N GLU C 56 28.36 -21.28 -1.79
CA GLU C 56 29.48 -21.38 -0.85
C GLU C 56 30.67 -20.56 -1.34
N GLU C 57 30.94 -20.66 -2.65
CA GLU C 57 32.05 -19.95 -3.26
C GLU C 57 31.83 -18.44 -3.13
N ALA C 58 30.60 -18.00 -3.41
CA ALA C 58 30.23 -16.59 -3.38
C ALA C 58 30.19 -16.04 -1.95
N THR C 59 30.02 -16.95 -1.00
CA THR C 59 29.87 -16.56 0.39
C THR C 59 31.07 -16.91 1.19
N LYS C 60 32.20 -17.11 0.51
CA LYS C 60 33.38 -17.67 1.20
C LYS C 60 34.15 -16.74 2.13
N GLU C 61 33.87 -15.43 2.09
CA GLU C 61 34.48 -14.43 3.04
C GLU C 61 33.92 -14.39 4.47
N MET C 62 32.69 -14.89 4.68
CA MET C 62 32.05 -14.83 6.00
C MET C 62 32.22 -16.15 6.77
N PRO C 63 32.94 -16.12 7.92
CA PRO C 63 33.26 -17.38 8.64
C PRO C 63 32.03 -18.09 9.24
N ASN C 64 31.06 -17.30 9.73
CA ASN C 64 29.91 -17.84 10.43
C ASN C 64 28.70 -18.07 9.52
N VAL C 65 28.97 -18.25 8.24
CA VAL C 65 27.93 -18.56 7.27
C VAL C 65 28.19 -19.92 6.64
N ARG C 66 27.20 -20.80 6.68
CA ARG C 66 27.26 -22.03 5.90
C ARG C 66 25.99 -22.27 5.10
N VAL C 67 26.16 -23.12 4.09
CA VAL C 67 25.10 -23.48 3.18
C VAL C 67 24.61 -24.91 3.34
N ILE C 68 23.32 -25.08 3.12
CA ILE C 68 22.67 -26.35 3.32
C ILE C 68 21.59 -26.55 2.28
N MET C 69 21.68 -27.69 1.56
CA MET C 69 20.60 -28.10 0.66
C MET C 69 19.47 -28.59 1.52
N GLN C 70 18.25 -28.27 1.13
CA GLN C 70 17.10 -28.75 1.85
C GLN C 70 16.07 -29.38 0.90
N GLU C 71 15.71 -30.63 1.20
CA GLU C 71 14.50 -31.19 0.65
C GLU C 71 13.42 -30.20 1.03
N THR C 72 12.63 -29.76 0.06
CA THR C 72 11.61 -28.82 0.43
C THR C 72 10.69 -29.56 1.42
N GLN C 73 10.13 -28.77 2.33
CA GLN C 73 9.41 -29.25 3.47
C GLN C 73 9.16 -27.95 4.17
N LEU C 74 8.28 -27.95 5.17
CA LEU C 74 8.06 -26.77 6.01
C LEU C 74 9.40 -26.15 6.45
N THR C 75 9.48 -24.84 6.31
CA THR C 75 10.69 -24.13 6.67
C THR C 75 10.98 -24.16 8.18
N VAL C 76 9.92 -24.09 8.98
CA VAL C 76 10.05 -24.27 10.40
C VAL C 76 10.62 -25.64 10.81
N GLU C 77 10.32 -26.74 10.09
CA GLU C 77 10.90 -28.04 10.53
C GLU C 77 12.36 -28.04 10.20
N SER C 78 12.67 -27.55 9.02
CA SER C 78 13.99 -27.69 8.54
C SER C 78 14.87 -26.82 9.47
N ALA C 79 14.25 -25.88 10.20
CA ALA C 79 14.95 -24.96 11.06
C ALA C 79 15.22 -25.62 12.41
N LYS C 80 14.21 -26.36 12.92
CA LYS C 80 14.33 -27.31 14.08
C LYS C 80 15.51 -28.22 13.94
N SER C 81 15.76 -28.74 12.74
CA SER C 81 16.81 -29.74 12.55
C SER C 81 18.17 -29.12 12.67
N LEU C 82 18.27 -27.84 12.25
CA LEU C 82 19.53 -27.13 12.19
C LEU C 82 19.87 -26.46 13.52
N GLY C 83 18.94 -26.48 14.44
CA GLY C 83 19.00 -25.69 15.65
C GLY C 83 18.99 -24.19 15.44
N ALA C 84 18.46 -23.74 14.30
CA ALA C 84 18.10 -22.32 14.09
C ALA C 84 16.95 -21.91 14.93
N ASN C 85 17.09 -20.99 15.87
CA ASN C 85 15.90 -20.32 16.49
C ASN C 85 15.39 -19.11 15.70
N PHE C 86 16.07 -18.72 14.63
CA PHE C 86 15.63 -17.52 13.92
C PHE C 86 15.48 -17.80 12.47
N LEU C 87 14.46 -17.18 11.85
CA LEU C 87 14.55 -17.03 10.37
C LEU C 87 14.79 -15.58 9.98
N ILE C 88 15.63 -15.40 8.99
CA ILE C 88 15.94 -14.06 8.60
C ILE C 88 15.37 -13.72 7.22
N ARG C 89 14.59 -12.64 7.11
CA ARG C 89 14.03 -12.24 5.78
C ARG C 89 14.29 -10.79 5.38
N GLY C 90 14.41 -10.55 4.08
CA GLY C 90 14.36 -9.21 3.54
C GLY C 90 12.94 -8.73 3.26
N ILE C 91 12.74 -7.43 3.31
CA ILE C 91 11.57 -6.80 2.74
C ILE C 91 12.06 -5.74 1.71
N ARG C 92 11.55 -5.83 0.50
CA ARG C 92 11.95 -4.87 -0.59
C ARG C 92 10.88 -3.85 -1.02
N ASN C 93 9.61 -4.10 -0.69
CA ASN C 93 8.53 -3.16 -0.97
C ASN C 93 7.25 -3.64 -0.28
N VAL C 94 6.14 -2.94 -0.54
CA VAL C 94 4.90 -3.24 0.11
C VAL C 94 4.39 -4.64 -0.18
N LYS C 95 4.48 -5.00 -1.43
CA LYS C 95 4.10 -6.29 -1.79
C LYS C 95 4.90 -7.35 -0.96
N ASP C 96 6.22 -7.24 -0.93
CA ASP C 96 7.12 -8.14 -0.15
C ASP C 96 6.70 -8.16 1.33
N TYR C 97 6.56 -6.98 1.90
CA TYR C 97 5.97 -6.83 3.21
C TYR C 97 4.67 -7.63 3.47
N GLU C 98 3.67 -7.55 2.63
CA GLU C 98 2.47 -8.32 2.97
C GLU C 98 2.61 -9.83 2.79
N TYR C 99 3.44 -10.24 1.88
CA TYR C 99 3.66 -11.61 1.67
C TYR C 99 4.49 -12.16 2.82
N GLU C 100 5.60 -11.52 3.23
CA GLU C 100 6.39 -12.08 4.35
C GLU C 100 5.60 -11.99 5.62
N LYS C 101 4.76 -10.99 5.76
CA LYS C 101 4.05 -10.93 7.01
C LYS C 101 3.21 -12.21 7.17
N ASP C 102 2.47 -12.58 6.12
CA ASP C 102 1.64 -13.77 6.19
C ASP C 102 2.45 -15.02 6.51
N ILE C 103 3.59 -15.18 5.86
CA ILE C 103 4.35 -16.36 6.02
C ILE C 103 4.87 -16.40 7.45
N ALA C 104 5.09 -15.22 8.03
CA ALA C 104 5.71 -15.10 9.35
C ALA C 104 4.74 -15.41 10.44
N LYS C 105 3.49 -15.07 10.22
CA LYS C 105 2.49 -15.42 11.19
C LYS C 105 2.13 -16.88 11.13
N MET C 106 2.10 -17.43 9.94
CA MET C 106 1.83 -18.82 9.86
C MET C 106 2.99 -19.64 10.53
N ASN C 107 4.23 -19.27 10.22
CA ASN C 107 5.37 -19.84 10.81
C ASN C 107 5.30 -19.74 12.34
N GLN C 108 4.78 -18.63 12.82
CA GLN C 108 4.68 -18.46 14.21
C GLN C 108 3.62 -19.40 14.81
N HIS C 109 2.55 -19.62 14.06
CA HIS C 109 1.54 -20.55 14.52
C HIS C 109 2.06 -22.01 14.46
N LEU C 110 2.83 -22.36 13.44
CA LEU C 110 3.47 -23.65 13.34
C LEU C 110 4.63 -23.88 14.33
N ALA C 111 5.34 -22.81 14.73
CA ALA C 111 6.51 -22.88 15.59
C ALA C 111 6.74 -21.55 16.36
N PRO C 112 5.90 -21.27 17.37
CA PRO C 112 5.94 -20.04 18.18
C PRO C 112 7.28 -19.73 18.87
N GLU C 113 8.20 -20.67 18.83
CA GLU C 113 9.55 -20.52 19.39
C GLU C 113 10.59 -20.19 18.30
N ILE C 114 10.20 -20.13 17.05
CA ILE C 114 11.12 -19.55 16.09
C ILE C 114 10.65 -18.11 15.89
N GLU C 115 11.59 -17.14 15.89
CA GLU C 115 11.21 -15.75 15.61
C GLU C 115 11.70 -15.43 14.22
N THR C 116 10.86 -14.70 13.51
CA THR C 116 11.22 -14.19 12.21
C THR C 116 11.74 -12.76 12.32
N VAL C 117 12.88 -12.56 11.71
CA VAL C 117 13.56 -11.28 11.83
C VAL C 117 13.70 -10.60 10.46
N PHE C 118 13.45 -9.29 10.42
CA PHE C 118 13.55 -8.59 9.11
C PHE C 118 14.60 -7.57 8.86
N LEU C 119 15.14 -7.66 7.66
CA LEU C 119 15.88 -6.57 7.10
C LEU C 119 15.23 -5.97 5.80
N LEU C 120 15.22 -4.64 5.72
CA LEU C 120 14.93 -3.91 4.47
C LEU C 120 16.04 -4.06 3.45
N ALA C 121 15.71 -4.30 2.19
CA ALA C 121 16.71 -4.30 1.12
C ALA C 121 17.44 -2.97 0.95
N GLU C 122 18.74 -3.05 0.61
CA GLU C 122 19.65 -1.91 0.38
C GLU C 122 19.20 -1.35 -0.97
N GLU C 123 19.21 -0.01 -1.18
CA GLU C 123 18.47 0.50 -2.34
C GLU C 123 18.92 0.24 -3.77
N PRO C 124 20.22 -0.09 -4.03
CA PRO C 124 20.50 -0.59 -5.40
C PRO C 124 19.81 -1.91 -5.74
N TYR C 125 19.27 -2.64 -4.77
CA TYR C 125 18.69 -3.98 -5.08
C TYR C 125 17.17 -4.07 -4.83
N ALA C 126 16.54 -3.02 -4.34
CA ALA C 126 15.15 -3.11 -3.96
C ALA C 126 14.16 -3.31 -5.11
N HIS C 127 14.62 -3.15 -6.34
CA HIS C 127 13.79 -3.49 -7.51
C HIS C 127 14.08 -4.91 -8.03
N VAL C 128 15.12 -5.54 -7.53
CA VAL C 128 15.54 -6.85 -7.99
C VAL C 128 14.72 -7.99 -7.32
N SER C 129 14.28 -8.93 -8.15
CA SER C 129 13.44 -10.09 -7.77
C SER C 129 13.79 -11.12 -8.84
N SER C 130 13.80 -12.40 -8.50
CA SER C 130 14.40 -13.31 -9.47
C SER C 130 13.53 -13.49 -10.74
N SER C 131 12.23 -13.28 -10.66
CA SER C 131 11.43 -13.35 -11.89
C SER C 131 11.73 -12.16 -12.85
N LEU C 132 12.11 -11.01 -12.30
CA LEU C 132 12.48 -9.90 -13.13
C LEU C 132 13.82 -10.18 -13.74
N LEU C 133 14.71 -10.69 -12.91
CA LEU C 133 16.02 -11.03 -13.36
C LEU C 133 16.04 -12.06 -14.49
N LYS C 134 15.28 -13.12 -14.26
CA LYS C 134 15.23 -14.21 -15.16
C LYS C 134 14.61 -13.76 -16.48
N GLU C 135 13.58 -12.95 -16.41
CA GLU C 135 13.02 -12.43 -17.64
C GLU C 135 14.03 -11.54 -18.37
N VAL C 136 14.77 -10.70 -17.67
CA VAL C 136 15.76 -9.90 -18.36
C VAL C 136 16.85 -10.80 -18.97
N LEU C 137 17.31 -11.78 -18.18
CA LEU C 137 18.34 -12.73 -18.63
C LEU C 137 17.93 -13.51 -19.90
N ARG C 138 16.66 -13.92 -19.95
CA ARG C 138 16.12 -14.60 -21.11
C ARG C 138 16.12 -13.78 -22.39
N PHE C 139 16.10 -12.46 -22.28
CA PHE C 139 16.19 -11.65 -23.48
C PHE C 139 17.55 -11.06 -23.75
N GLY C 140 18.59 -11.53 -23.06
CA GLY C 140 19.93 -11.10 -23.41
C GLY C 140 20.44 -9.85 -22.72
N GLY C 141 19.59 -9.26 -21.86
CA GLY C 141 19.93 -8.08 -21.06
C GLY C 141 21.07 -8.28 -20.07
N ASP C 142 21.88 -7.23 -19.88
CA ASP C 142 23.06 -7.26 -19.01
C ASP C 142 22.73 -7.01 -17.54
N VAL C 143 22.72 -8.07 -16.73
CA VAL C 143 22.51 -7.89 -15.29
C VAL C 143 23.70 -8.30 -14.43
N SER C 144 24.88 -8.19 -15.06
CA SER C 144 26.13 -8.57 -14.44
C SER C 144 26.35 -7.82 -13.15
N ASP C 145 25.95 -6.53 -13.08
CA ASP C 145 26.15 -5.76 -11.86
C ASP C 145 25.33 -6.32 -10.73
N TYR C 146 24.31 -7.11 -11.03
CA TYR C 146 23.38 -7.60 -9.98
C TYR C 146 23.70 -9.03 -9.45
N LEU C 147 24.61 -9.75 -10.07
CA LEU C 147 24.95 -11.07 -9.59
C LEU C 147 26.37 -11.15 -9.14
N PRO C 148 26.64 -12.00 -8.13
CA PRO C 148 28.03 -12.21 -7.70
C PRO C 148 28.83 -12.81 -8.87
N PRO C 149 30.04 -12.30 -9.13
CA PRO C 149 30.89 -12.60 -10.29
C PRO C 149 30.94 -14.09 -10.68
N ASN C 150 31.06 -14.94 -9.69
CA ASN C 150 31.17 -16.37 -9.91
C ASN C 150 29.87 -16.97 -10.41
N ILE C 151 28.75 -16.50 -9.85
CA ILE C 151 27.44 -16.98 -10.28
C ILE C 151 27.24 -16.46 -11.68
N TYR C 152 27.69 -15.23 -11.92
CA TYR C 152 27.67 -14.69 -13.26
C TYR C 152 28.55 -15.49 -14.23
N HIS C 153 29.86 -15.58 -13.92
CA HIS C 153 30.79 -16.34 -14.75
C HIS C 153 30.23 -17.72 -15.04
N ALA C 154 29.64 -18.34 -14.03
CA ALA C 154 29.10 -19.70 -14.19
C ALA C 154 27.89 -19.74 -15.09
N LEU C 155 27.12 -18.65 -15.13
CA LEU C 155 25.87 -18.65 -15.87
C LEU C 155 26.10 -18.44 -17.34
N LYS C 156 27.12 -17.66 -17.66
CA LYS C 156 27.55 -17.51 -19.04
C LYS C 156 28.01 -18.85 -19.63
N GLN C 157 28.64 -19.72 -18.82
CA GLN C 157 29.11 -21.04 -19.31
C GLN C 157 27.95 -21.98 -19.73
N LYS C 158 26.87 -22.00 -18.97
CA LYS C 158 25.67 -22.75 -19.36
C LYS C 158 24.98 -22.06 -20.55
N MET D 1 32.11 -10.39 20.67
CA MET D 1 31.63 -9.24 21.45
C MET D 1 30.11 -9.14 21.43
N ARG D 2 29.58 -8.34 22.35
CA ARG D 2 28.16 -8.18 22.51
C ARG D 2 27.52 -7.54 21.29
N LYS D 3 26.23 -7.84 21.10
CA LYS D 3 25.35 -7.17 20.15
C LYS D 3 24.35 -6.42 20.97
N ILE D 4 24.33 -5.12 20.81
CA ILE D 4 23.51 -4.31 21.66
C ILE D 4 22.65 -3.46 20.75
N ALA D 5 21.41 -3.25 21.17
CA ALA D 5 20.49 -2.62 20.36
C ALA D 5 19.83 -1.51 21.14
N LEU D 6 19.66 -0.40 20.46
CA LEU D 6 18.91 0.63 21.07
C LEU D 6 17.47 0.47 20.51
N PHE D 7 16.49 0.55 21.40
CA PHE D 7 15.11 0.64 21.04
C PHE D 7 14.59 2.03 21.30
N PRO D 8 14.64 2.93 20.31
CA PRO D 8 14.31 4.28 20.67
C PRO D 8 12.81 4.42 20.76
N GLY D 9 12.30 5.50 21.35
CA GLY D 9 10.86 5.76 21.34
C GLY D 9 10.43 6.76 22.40
N SER D 10 9.24 7.29 22.31
CA SER D 10 8.84 8.22 23.37
C SER D 10 7.98 7.59 24.47
N PHE D 11 7.35 6.46 24.18
CA PHE D 11 6.67 5.63 25.18
C PHE D 11 5.64 6.37 26.02
N ASP D 12 4.80 7.12 25.32
CA ASP D 12 3.80 7.93 25.95
C ASP D 12 2.43 7.47 25.44
N PRO D 13 1.80 6.49 26.12
CA PRO D 13 2.36 5.68 27.17
C PRO D 13 2.89 4.40 26.60
N MET D 14 3.83 3.79 27.31
CA MET D 14 4.24 2.44 26.97
C MET D 14 3.08 1.46 26.90
N THR D 15 3.17 0.52 25.96
CA THR D 15 2.10 -0.41 25.73
C THR D 15 2.60 -1.82 25.83
N ASN D 16 1.65 -2.73 25.97
CA ASN D 16 1.95 -4.14 25.83
C ASN D 16 2.62 -4.45 24.45
N GLY D 17 2.33 -3.64 23.43
CA GLY D 17 2.97 -3.84 22.12
C GLY D 17 4.45 -3.62 22.19
N HIS D 18 4.80 -2.47 22.73
CA HIS D 18 6.12 -2.12 23.21
C HIS D 18 6.86 -3.22 24.02
N LEU D 19 6.23 -3.69 25.11
CA LEU D 19 6.82 -4.78 25.91
C LEU D 19 7.05 -6.02 25.11
N ASN D 20 6.03 -6.41 24.33
CA ASN D 20 6.12 -7.58 23.44
C ASN D 20 7.38 -7.50 22.62
N LEU D 21 7.63 -6.34 22.01
CA LEU D 21 8.82 -6.16 21.15
C LEU D 21 10.13 -6.17 21.97
N ILE D 22 10.01 -5.57 23.14
CA ILE D 22 11.10 -5.55 24.09
C ILE D 22 11.42 -7.00 24.47
N GLU D 23 10.39 -7.73 24.88
CA GLU D 23 10.60 -9.15 25.20
C GLU D 23 11.32 -9.87 24.10
N ARG D 24 10.88 -9.73 22.85
CA ARG D 24 11.44 -10.57 21.77
C ARG D 24 12.82 -10.14 21.36
N SER D 25 13.09 -8.85 21.42
CA SER D 25 14.46 -8.43 21.13
C SER D 25 15.44 -8.79 22.23
N ALA D 26 14.91 -8.96 23.43
CA ALA D 26 15.73 -9.39 24.55
C ALA D 26 16.25 -10.81 24.25
N LYS D 27 15.48 -11.59 23.48
CA LYS D 27 15.92 -12.92 23.09
C LYS D 27 16.96 -12.85 21.98
N LEU D 28 16.99 -11.77 21.22
CA LEU D 28 17.82 -11.76 20.00
C LEU D 28 19.17 -11.03 20.18
N PHE D 29 19.15 -10.03 21.07
CA PHE D 29 20.36 -9.25 21.42
C PHE D 29 20.86 -9.59 22.81
N ASP D 30 22.20 -9.61 22.95
CA ASP D 30 22.89 -9.62 24.24
C ASP D 30 22.27 -8.61 25.09
N GLU D 31 22.17 -7.38 24.60
CA GLU D 31 21.31 -6.49 25.38
C GLU D 31 20.47 -5.44 24.65
N VAL D 32 19.50 -4.90 25.34
CA VAL D 32 18.62 -4.02 24.69
C VAL D 32 18.52 -2.84 25.55
N ILE D 33 18.77 -1.68 24.97
CA ILE D 33 18.71 -0.44 25.68
C ILE D 33 17.47 0.29 25.19
N ILE D 34 16.58 0.65 26.11
CA ILE D 34 15.37 1.35 25.74
C ILE D 34 15.63 2.80 25.96
N GLY D 35 15.68 3.60 24.89
CA GLY D 35 15.99 5.02 25.01
C GLY D 35 14.71 5.80 24.98
N VAL D 36 14.40 6.44 26.10
CA VAL D 36 13.18 7.19 26.19
C VAL D 36 13.50 8.63 25.83
N PHE D 37 13.05 9.07 24.66
CA PHE D 37 13.39 10.39 24.14
C PHE D 37 12.43 11.49 24.66
N ILE D 38 12.89 12.26 25.65
CA ILE D 38 12.06 13.25 26.41
C ILE D 38 11.53 14.44 25.61
N LEU D 45 3.76 16.72 33.34
CA LEU D 45 2.85 15.74 32.76
C LEU D 45 3.13 14.32 33.32
N PHE D 46 4.37 13.86 33.17
CA PHE D 46 4.97 12.70 33.84
C PHE D 46 6.49 12.87 33.84
N THR D 47 7.15 13.04 34.98
CA THR D 47 8.60 13.42 34.99
C THR D 47 9.63 12.35 34.50
N PRO D 48 10.82 12.81 34.02
CA PRO D 48 11.86 11.88 33.54
C PRO D 48 12.49 11.06 34.65
N GLU D 49 12.04 11.30 35.88
CA GLU D 49 12.34 10.44 36.98
C GLU D 49 11.19 9.42 37.04
N GLU D 50 9.96 9.92 36.85
CA GLU D 50 8.75 9.09 36.78
C GLU D 50 8.88 8.07 35.62
N LYS D 51 8.85 8.58 34.39
CA LYS D 51 8.80 7.74 33.19
C LYS D 51 9.79 6.58 33.18
N LYS D 52 11.04 6.85 33.52
CA LYS D 52 12.02 5.79 33.59
C LYS D 52 11.60 4.81 34.65
N TYR D 53 10.99 5.32 35.71
CA TYR D 53 10.62 4.40 36.77
C TYR D 53 9.72 3.30 36.23
N LEU D 54 8.60 3.71 35.66
CA LEU D 54 7.54 2.81 35.18
C LEU D 54 8.08 1.85 34.14
N ILE D 55 8.90 2.39 33.24
CA ILE D 55 9.54 1.56 32.22
C ILE D 55 10.50 0.53 32.81
N GLU D 56 11.34 0.92 33.76
CA GLU D 56 12.15 -0.04 34.54
C GLU D 56 11.29 -1.10 35.27
N GLU D 57 10.20 -0.67 35.89
CA GLU D 57 9.30 -1.59 36.58
C GLU D 57 8.70 -2.62 35.61
N ALA D 58 8.08 -2.11 34.53
CA ALA D 58 7.51 -2.98 33.46
C ALA D 58 8.47 -4.02 32.82
N THR D 59 9.78 -3.80 32.86
CA THR D 59 10.79 -4.65 32.18
C THR D 59 11.74 -5.45 33.08
N LYS D 60 11.56 -5.30 34.39
CA LYS D 60 12.37 -5.98 35.40
C LYS D 60 12.58 -7.50 35.23
N GLU D 61 11.61 -8.16 34.62
CA GLU D 61 11.72 -9.59 34.33
C GLU D 61 12.88 -10.00 33.41
N MET D 62 13.38 -9.09 32.58
CA MET D 62 14.43 -9.49 31.63
C MET D 62 15.75 -8.95 32.10
N PRO D 63 16.71 -9.85 32.35
CA PRO D 63 17.91 -9.33 32.99
C PRO D 63 18.72 -8.40 32.06
N ASN D 64 18.77 -8.70 30.77
CA ASN D 64 19.60 -7.96 29.78
C ASN D 64 18.93 -6.69 29.14
N VAL D 65 17.96 -6.09 29.80
CA VAL D 65 17.38 -4.88 29.30
C VAL D 65 17.61 -3.77 30.29
N ARG D 66 17.83 -2.53 29.81
CA ARG D 66 17.79 -1.35 30.68
C ARG D 66 17.24 -0.09 30.00
N VAL D 67 16.89 0.90 30.80
CA VAL D 67 16.18 2.06 30.34
C VAL D 67 17.06 3.29 30.55
N ILE D 68 16.79 4.33 29.77
CA ILE D 68 17.70 5.48 29.62
C ILE D 68 16.86 6.68 29.23
N MET D 69 17.14 7.81 29.85
CA MET D 69 16.53 9.04 29.39
C MET D 69 17.56 9.63 28.49
N GLN D 70 17.17 9.75 27.24
CA GLN D 70 18.00 10.41 26.26
C GLN D 70 17.37 11.78 26.10
N GLU D 71 18.18 12.81 26.32
CA GLU D 71 17.76 14.18 26.02
C GLU D 71 17.74 14.19 24.51
N THR D 72 16.68 14.76 23.93
CA THR D 72 16.42 14.48 22.52
C THR D 72 17.65 14.85 21.61
N GLN D 73 17.91 14.03 20.58
CA GLN D 73 19.13 14.13 19.74
C GLN D 73 19.19 13.03 18.71
N LEU D 74 20.05 13.11 17.71
CA LEU D 74 20.19 12.00 16.76
C LEU D 74 20.30 10.61 17.42
N THR D 75 19.27 9.80 17.26
CA THR D 75 19.28 8.42 17.72
C THR D 75 20.55 7.65 17.33
N VAL D 76 21.10 7.90 16.17
CA VAL D 76 22.35 7.23 15.90
C VAL D 76 23.56 7.75 16.72
N GLU D 77 23.44 8.98 17.25
CA GLU D 77 24.51 9.56 18.05
C GLU D 77 24.49 8.79 19.34
N SER D 78 23.28 8.70 19.83
CA SER D 78 23.03 8.17 21.10
C SER D 78 23.38 6.68 21.05
N ALA D 79 23.05 5.97 19.99
CA ALA D 79 23.47 4.58 19.88
C ALA D 79 25.00 4.44 19.84
N LYS D 80 25.65 5.34 19.10
CA LYS D 80 27.11 5.25 18.90
C LYS D 80 27.79 5.34 20.29
N SER D 81 27.25 6.21 21.15
CA SER D 81 27.77 6.44 22.47
C SER D 81 27.70 5.26 23.40
N LEU D 82 26.63 4.48 23.27
CA LEU D 82 26.37 3.40 24.18
C LEU D 82 27.00 2.17 23.57
N GLY D 83 27.63 2.28 22.43
CA GLY D 83 28.14 1.05 21.84
C GLY D 83 27.10 0.20 21.08
N ALA D 84 25.86 0.73 20.85
CA ALA D 84 24.85 0.02 20.05
C ALA D 84 25.13 -0.03 18.53
N ASN D 85 25.35 -1.21 17.96
CA ASN D 85 25.49 -1.34 16.52
C ASN D 85 24.10 -1.64 15.80
N PHE D 86 23.03 -1.75 16.60
CA PHE D 86 21.73 -2.12 16.11
C PHE D 86 20.76 -1.20 16.69
N LEU D 87 19.83 -0.79 15.84
CA LEU D 87 18.57 -0.24 16.25
C LEU D 87 17.51 -1.36 16.06
N ILE D 88 16.44 -1.33 16.88
CA ILE D 88 15.38 -2.27 16.73
C ILE D 88 14.10 -1.60 16.63
N ARG D 89 13.33 -1.98 15.61
CA ARG D 89 12.05 -1.30 15.48
C ARG D 89 10.97 -2.32 15.16
N GLY D 90 9.74 -1.99 15.50
CA GLY D 90 8.58 -2.75 15.06
C GLY D 90 7.89 -2.12 13.83
N ILE D 91 7.28 -2.98 13.03
CA ILE D 91 6.38 -2.60 11.94
C ILE D 91 5.03 -3.21 12.17
N ARG D 92 4.00 -2.39 12.23
CA ARG D 92 2.64 -2.90 12.40
C ARG D 92 1.64 -2.90 11.19
N ASN D 93 1.96 -2.20 10.08
CA ASN D 93 1.03 -1.92 8.94
C ASN D 93 1.83 -1.17 7.91
N VAL D 94 1.26 -0.94 6.75
CA VAL D 94 2.00 -0.38 5.61
C VAL D 94 2.45 1.04 5.89
N LYS D 95 1.57 1.82 6.47
CA LYS D 95 1.95 3.14 6.80
C LYS D 95 3.24 3.09 7.62
N ASP D 96 3.19 2.35 8.73
CA ASP D 96 4.31 2.12 9.58
C ASP D 96 5.54 1.63 8.85
N TYR D 97 5.42 0.68 7.94
CA TYR D 97 6.58 0.25 7.15
C TYR D 97 7.28 1.38 6.34
N GLU D 98 6.46 2.21 5.66
CA GLU D 98 7.07 3.25 4.84
C GLU D 98 7.68 4.37 5.72
N TYR D 99 7.06 4.63 6.84
CA TYR D 99 7.61 5.61 7.74
C TYR D 99 8.98 5.13 8.29
N GLU D 100 9.09 3.86 8.69
CA GLU D 100 10.29 3.35 9.29
C GLU D 100 11.30 3.15 8.22
N LYS D 101 10.88 2.76 7.05
CA LYS D 101 11.84 2.60 6.00
C LYS D 101 12.60 3.93 5.71
N ASP D 102 11.88 5.04 5.59
CA ASP D 102 12.53 6.34 5.46
C ASP D 102 13.56 6.62 6.59
N ILE D 103 13.09 6.48 7.83
CA ILE D 103 13.92 6.74 8.99
C ILE D 103 15.17 5.86 8.94
N ALA D 104 15.01 4.61 8.53
CA ALA D 104 16.15 3.70 8.48
C ALA D 104 17.16 4.03 7.37
N LYS D 105 16.66 4.57 6.26
CA LYS D 105 17.53 4.99 5.22
C LYS D 105 18.32 6.28 5.57
N MET D 106 17.65 7.24 6.19
CA MET D 106 18.34 8.38 6.70
C MET D 106 19.43 7.89 7.67
N ASN D 107 19.05 7.05 8.63
CA ASN D 107 20.00 6.57 9.60
C ASN D 107 21.17 5.82 9.01
N GLN D 108 20.99 5.17 7.87
CA GLN D 108 22.12 4.48 7.31
C GLN D 108 23.03 5.52 6.64
N HIS D 109 22.42 6.63 6.22
CA HIS D 109 23.25 7.66 5.65
C HIS D 109 24.18 8.32 6.72
N LEU D 110 23.62 8.62 7.88
CA LEU D 110 24.29 9.26 8.99
C LEU D 110 25.26 8.36 9.75
N ALA D 111 24.96 7.06 9.78
CA ALA D 111 25.75 6.11 10.56
C ALA D 111 25.64 4.79 9.87
N PRO D 112 26.42 4.60 8.81
CA PRO D 112 26.28 3.36 7.99
C PRO D 112 26.69 2.04 8.66
N GLU D 113 27.29 2.12 9.83
CA GLU D 113 27.82 0.92 10.48
C GLU D 113 26.75 0.50 11.46
N ILE D 114 25.70 1.30 11.61
CA ILE D 114 24.57 0.83 12.44
C ILE D 114 23.50 0.07 11.57
N GLU D 115 23.05 -1.10 11.99
CA GLU D 115 21.93 -1.77 11.32
C GLU D 115 20.61 -1.49 12.01
N THR D 116 19.62 -1.10 11.21
CA THR D 116 18.23 -1.20 11.73
C THR D 116 17.66 -2.58 11.49
N VAL D 117 17.08 -3.13 12.54
CA VAL D 117 16.49 -4.47 12.53
C VAL D 117 14.96 -4.42 12.83
N PHE D 118 14.20 -5.20 12.10
CA PHE D 118 12.75 -5.09 12.33
C PHE D 118 12.07 -6.36 12.78
N LEU D 119 11.03 -6.13 13.55
CA LEU D 119 10.16 -7.21 13.87
C LEU D 119 8.75 -6.74 13.56
N LEU D 120 7.86 -7.68 13.24
CA LEU D 120 6.47 -7.38 12.96
C LEU D 120 5.75 -7.35 14.28
N ALA D 121 4.79 -6.44 14.42
CA ALA D 121 3.99 -6.42 15.61
C ALA D 121 3.15 -7.72 15.75
N GLU D 122 2.87 -8.14 16.98
CA GLU D 122 2.10 -9.35 17.24
C GLU D 122 0.65 -8.94 17.03
N GLU D 123 -0.14 -9.82 16.38
CA GLU D 123 -1.48 -9.41 15.88
C GLU D 123 -2.46 -8.74 16.87
N PRO D 124 -2.40 -9.13 18.18
CA PRO D 124 -3.22 -8.43 19.19
C PRO D 124 -2.93 -6.95 19.31
N TYR D 125 -1.72 -6.52 18.93
CA TYR D 125 -1.30 -5.11 19.10
C TYR D 125 -1.13 -4.29 17.81
N ALA D 126 -1.26 -4.93 16.65
CA ALA D 126 -1.12 -4.27 15.34
C ALA D 126 -2.01 -3.05 15.09
N HIS D 127 -3.20 -2.97 15.65
CA HIS D 127 -3.95 -1.72 15.49
C HIS D 127 -3.62 -0.62 16.50
N VAL D 128 -2.72 -0.92 17.42
CA VAL D 128 -2.47 -0.01 18.54
C VAL D 128 -1.34 1.01 18.27
N SER D 129 -1.68 2.29 18.44
CA SER D 129 -0.71 3.39 18.34
C SER D 129 -1.08 4.42 19.36
N SER D 130 -0.05 5.06 19.91
CA SER D 130 -0.20 5.92 21.10
C SER D 130 -1.22 7.01 20.87
N SER D 131 -1.29 7.43 19.63
CA SER D 131 -2.20 8.43 19.24
C SER D 131 -3.68 7.98 19.37
N LEU D 132 -3.94 6.73 18.99
CA LEU D 132 -5.28 6.13 19.08
C LEU D 132 -5.61 5.84 20.53
N LEU D 133 -4.61 5.26 21.18
CA LEU D 133 -4.66 5.00 22.62
C LEU D 133 -4.99 6.23 23.50
N LYS D 134 -4.16 7.27 23.43
CA LYS D 134 -4.44 8.54 24.12
C LYS D 134 -5.84 9.05 23.87
N GLU D 135 -6.28 9.00 22.61
CA GLU D 135 -7.61 9.55 22.31
C GLU D 135 -8.69 8.75 23.02
N VAL D 136 -8.44 7.45 23.20
CA VAL D 136 -9.42 6.60 23.83
C VAL D 136 -9.36 6.82 25.32
N LEU D 137 -8.15 6.89 25.86
CA LEU D 137 -7.98 7.29 27.28
C LEU D 137 -8.70 8.58 27.55
N ARG D 138 -8.45 9.59 26.73
CA ARG D 138 -9.10 10.86 26.84
C ARG D 138 -10.65 10.77 26.87
N PHE D 139 -11.19 9.75 26.23
CA PHE D 139 -12.61 9.58 26.26
C PHE D 139 -13.04 8.58 27.31
N GLY D 140 -12.06 7.92 27.90
CA GLY D 140 -12.31 7.12 29.08
C GLY D 140 -12.78 5.72 28.75
N GLY D 141 -12.48 5.26 27.55
CA GLY D 141 -12.69 3.87 27.20
C GLY D 141 -11.66 3.08 27.98
N ASP D 142 -11.81 1.77 28.01
CA ASP D 142 -11.01 0.93 28.85
C ASP D 142 -9.94 0.26 28.00
N VAL D 143 -8.73 0.73 28.11
CA VAL D 143 -7.69 0.17 27.29
C VAL D 143 -6.65 -0.64 28.10
N SER D 144 -7.09 -0.97 29.32
CA SER D 144 -6.32 -1.74 30.31
C SER D 144 -5.73 -3.01 29.75
N ASP D 145 -6.40 -3.67 28.83
CA ASP D 145 -5.78 -4.83 28.22
C ASP D 145 -4.54 -4.50 27.38
N TYR D 146 -4.32 -3.25 27.03
CA TYR D 146 -3.16 -2.92 26.18
C TYR D 146 -1.95 -2.34 26.91
N LEU D 147 -2.08 -2.17 28.21
CA LEU D 147 -1.08 -1.49 29.04
C LEU D 147 -0.44 -2.48 30.02
N PRO D 148 0.90 -2.43 30.21
CA PRO D 148 1.46 -3.05 31.40
C PRO D 148 0.72 -2.49 32.63
N PRO D 149 0.32 -3.39 33.52
CA PRO D 149 -0.60 -2.98 34.58
C PRO D 149 -0.01 -1.86 35.48
N ASN D 150 1.30 -1.87 35.70
CA ASN D 150 1.85 -0.77 36.51
C ASN D 150 1.63 0.58 35.85
N ILE D 151 1.90 0.65 34.54
CA ILE D 151 1.59 1.84 33.74
C ILE D 151 0.10 2.14 33.87
N TYR D 152 -0.74 1.10 33.84
CA TYR D 152 -2.19 1.29 34.02
C TYR D 152 -2.56 1.84 35.41
N HIS D 153 -2.11 1.16 36.45
CA HIS D 153 -2.38 1.63 37.78
C HIS D 153 -1.87 3.06 37.84
N ALA D 154 -0.70 3.30 37.28
CA ALA D 154 -0.10 4.61 37.38
C ALA D 154 -0.95 5.63 36.73
N LEU D 155 -1.50 5.25 35.60
CA LEU D 155 -2.24 6.18 34.81
C LEU D 155 -3.44 6.71 35.52
N LYS D 156 -4.17 5.88 36.24
CA LYS D 156 -5.38 6.44 36.71
C LYS D 156 -5.20 7.21 37.96
N GLN D 157 -4.42 8.27 37.85
CA GLN D 157 -4.48 9.48 38.60
C GLN D 157 -4.36 10.51 37.51
N LYS D 158 -5.40 10.70 36.70
CA LYS D 158 -5.26 11.56 35.53
C LYS D 158 -5.99 12.89 35.52
N MET E 1 -33.78 -2.29 0.19
CA MET E 1 -34.06 -3.52 -0.58
C MET E 1 -33.92 -4.77 0.26
N ARG E 2 -34.51 -5.89 -0.18
CA ARG E 2 -34.55 -7.12 0.63
C ARG E 2 -33.11 -7.49 1.01
N LYS E 3 -32.94 -7.98 2.23
CA LYS E 3 -31.59 -8.13 2.76
C LYS E 3 -31.12 -9.50 2.45
N ILE E 4 -30.93 -9.73 1.16
CA ILE E 4 -30.49 -11.01 0.70
C ILE E 4 -29.06 -10.89 0.12
N ALA E 5 -28.12 -11.54 0.78
CA ALA E 5 -26.76 -11.45 0.36
C ALA E 5 -26.28 -12.75 -0.14
N LEU E 6 -25.46 -12.67 -1.16
CA LEU E 6 -24.61 -13.77 -1.64
C LEU E 6 -23.14 -13.66 -1.16
N PHE E 7 -22.60 -14.79 -0.69
CA PHE E 7 -21.26 -14.81 -0.27
C PHE E 7 -20.55 -15.76 -1.20
N PRO E 8 -19.90 -15.23 -2.23
CA PRO E 8 -19.43 -16.15 -3.28
C PRO E 8 -18.09 -16.66 -2.91
N GLY E 9 -17.76 -17.89 -3.25
CA GLY E 9 -16.38 -18.35 -3.11
C GLY E 9 -16.19 -19.81 -3.53
N SER E 10 -14.95 -20.29 -3.51
CA SER E 10 -14.69 -21.67 -3.90
C SER E 10 -14.53 -22.62 -2.71
N PHE E 11 -14.22 -22.05 -1.56
CA PHE E 11 -14.27 -22.73 -0.27
C PHE E 11 -13.48 -24.04 -0.29
N ASP E 12 -12.25 -23.92 -0.79
CA ASP E 12 -11.38 -25.04 -0.94
C ASP E 12 -10.09 -24.88 -0.14
N PRO E 13 -10.12 -25.31 1.12
CA PRO E 13 -11.30 -25.83 1.77
C PRO E 13 -11.97 -24.65 2.43
N MET E 14 -12.99 -24.89 3.21
CA MET E 14 -13.58 -23.80 3.96
C MET E 14 -12.79 -23.59 5.27
N THR E 15 -12.61 -22.33 5.69
CA THR E 15 -11.87 -21.98 6.89
C THR E 15 -12.76 -21.35 7.95
N ASN E 16 -12.27 -21.28 9.18
CA ASN E 16 -12.88 -20.46 10.23
C ASN E 16 -12.99 -18.94 9.92
N GLY E 17 -12.14 -18.45 9.00
CA GLY E 17 -12.22 -17.05 8.49
C GLY E 17 -13.54 -16.88 7.77
N HIS E 18 -13.74 -17.76 6.79
CA HIS E 18 -15.04 -17.91 6.14
C HIS E 18 -16.25 -17.93 7.10
N LEU E 19 -16.14 -18.78 8.11
CA LEU E 19 -17.20 -19.00 9.08
C LEU E 19 -17.47 -17.74 9.86
N ASN E 20 -16.41 -17.08 10.29
CA ASN E 20 -16.50 -15.79 10.97
C ASN E 20 -17.32 -14.77 10.17
N LEU E 21 -16.98 -14.61 8.90
CA LEU E 21 -17.71 -13.69 7.96
C LEU E 21 -19.14 -14.04 7.81
N ILE E 22 -19.37 -15.33 7.63
CA ILE E 22 -20.75 -15.78 7.55
C ILE E 22 -21.56 -15.44 8.82
N GLU E 23 -20.95 -15.70 9.97
CA GLU E 23 -21.60 -15.50 11.23
C GLU E 23 -21.92 -14.05 11.40
N ARG E 24 -20.95 -13.19 11.09
CA ARG E 24 -21.14 -11.77 11.12
C ARG E 24 -22.13 -11.30 10.05
N SER E 25 -22.06 -11.84 8.87
CA SER E 25 -23.04 -11.30 8.00
C SER E 25 -24.43 -11.85 8.30
N ALA E 26 -24.50 -12.99 8.99
CA ALA E 26 -25.77 -13.59 9.34
C ALA E 26 -26.52 -12.64 10.28
N LYS E 27 -25.77 -11.77 10.96
CA LYS E 27 -26.42 -10.81 11.89
C LYS E 27 -26.91 -9.61 11.21
N LEU E 28 -26.50 -9.46 9.97
CA LEU E 28 -26.77 -8.22 9.27
C LEU E 28 -27.75 -8.40 8.17
N PHE E 29 -27.72 -9.56 7.51
CA PHE E 29 -28.73 -9.82 6.46
C PHE E 29 -29.93 -10.75 6.92
N ASP E 30 -31.12 -10.65 6.29
CA ASP E 30 -32.17 -11.66 6.56
C ASP E 30 -31.77 -13.01 6.03
N GLU E 31 -31.03 -13.06 4.93
CA GLU E 31 -30.65 -14.37 4.44
C GLU E 31 -29.27 -14.21 3.79
N VAL E 32 -28.37 -15.16 4.06
CA VAL E 32 -27.09 -15.19 3.45
C VAL E 32 -26.96 -16.49 2.68
N ILE E 33 -26.73 -16.36 1.38
CA ILE E 33 -26.41 -17.48 0.57
C ILE E 33 -24.91 -17.74 0.42
N ILE E 34 -24.47 -18.89 0.85
CA ILE E 34 -23.12 -19.37 0.52
C ILE E 34 -23.07 -19.94 -0.87
N GLY E 35 -22.33 -19.29 -1.77
CA GLY E 35 -22.37 -19.61 -3.17
C GLY E 35 -21.08 -20.35 -3.48
N VAL E 36 -21.21 -21.66 -3.70
CA VAL E 36 -20.07 -22.48 -3.83
C VAL E 36 -19.93 -22.75 -5.30
N PHE E 37 -18.81 -22.34 -5.87
CA PHE E 37 -18.56 -22.37 -7.29
C PHE E 37 -17.64 -23.57 -7.62
N ILE E 38 -18.01 -24.42 -8.58
CA ILE E 38 -17.41 -25.76 -8.69
C ILE E 38 -16.48 -26.07 -9.86
N LEU E 45 -11.12 -33.26 -5.75
CA LEU E 45 -10.97 -33.67 -4.35
C LEU E 45 -12.28 -34.16 -3.71
N PHE E 46 -13.35 -33.38 -3.89
CA PHE E 46 -14.68 -33.71 -3.34
C PHE E 46 -15.73 -33.57 -4.40
N THR E 47 -16.81 -34.31 -4.23
CA THR E 47 -17.96 -34.00 -5.04
C THR E 47 -18.57 -32.71 -4.53
N PRO E 48 -19.15 -31.94 -5.43
CA PRO E 48 -19.97 -30.81 -5.04
C PRO E 48 -20.90 -31.18 -3.86
N GLU E 49 -21.57 -32.32 -3.99
CA GLU E 49 -22.49 -32.86 -2.99
C GLU E 49 -21.84 -33.04 -1.61
N GLU E 50 -20.61 -33.53 -1.61
CA GLU E 50 -19.81 -33.62 -0.38
C GLU E 50 -19.53 -32.21 0.20
N LYS E 51 -19.04 -31.34 -0.66
CA LYS E 51 -18.66 -30.00 -0.32
C LYS E 51 -19.90 -29.31 0.28
N LYS E 52 -21.06 -29.57 -0.33
CA LYS E 52 -22.32 -29.03 0.15
C LYS E 52 -22.72 -29.48 1.55
N TYR E 53 -22.36 -30.67 1.93
CA TYR E 53 -22.83 -31.23 3.19
C TYR E 53 -21.87 -30.78 4.26
N LEU E 54 -20.59 -30.89 3.94
CA LEU E 54 -19.52 -30.24 4.72
C LEU E 54 -19.88 -28.83 5.12
N ILE E 55 -20.17 -27.99 4.15
CA ILE E 55 -20.36 -26.58 4.46
C ILE E 55 -21.61 -26.37 5.28
N GLU E 56 -22.68 -27.01 4.83
CA GLU E 56 -23.95 -27.06 5.58
C GLU E 56 -23.74 -27.49 7.01
N GLU E 57 -22.95 -28.54 7.19
CA GLU E 57 -22.58 -28.99 8.54
C GLU E 57 -21.82 -27.90 9.34
N ALA E 58 -20.87 -27.21 8.68
CA ALA E 58 -20.17 -26.12 9.36
C ALA E 58 -21.11 -24.98 9.75
N THR E 59 -22.16 -24.79 8.98
CA THR E 59 -22.96 -23.59 9.15
C THR E 59 -24.26 -23.89 9.82
N LYS E 60 -24.42 -25.17 10.16
CA LYS E 60 -25.71 -25.71 10.61
C LYS E 60 -26.41 -24.86 11.65
N GLU E 61 -25.65 -24.09 12.43
CA GLU E 61 -26.11 -23.31 13.57
C GLU E 61 -26.71 -21.93 13.27
N MET E 62 -26.65 -21.48 12.02
CA MET E 62 -27.28 -20.22 11.65
C MET E 62 -28.51 -20.52 10.78
N PRO E 63 -29.71 -20.17 11.27
CA PRO E 63 -30.96 -20.48 10.55
C PRO E 63 -31.22 -19.64 9.30
N ASN E 64 -30.52 -18.51 9.13
CA ASN E 64 -30.70 -17.68 7.93
C ASN E 64 -29.57 -17.84 6.89
N VAL E 65 -28.80 -18.90 7.01
CA VAL E 65 -27.73 -19.17 6.07
C VAL E 65 -28.09 -20.32 5.13
N ARG E 66 -27.72 -20.29 3.86
CA ARG E 66 -27.90 -21.50 3.09
C ARG E 66 -26.93 -21.69 1.93
N VAL E 67 -26.67 -22.93 1.62
CA VAL E 67 -25.64 -23.26 0.73
C VAL E 67 -26.22 -23.60 -0.66
N ILE E 68 -25.60 -23.11 -1.71
CA ILE E 68 -26.04 -23.40 -3.04
C ILE E 68 -24.79 -23.68 -3.89
N MET E 69 -24.72 -24.82 -4.55
CA MET E 69 -23.63 -25.03 -5.51
C MET E 69 -23.96 -24.26 -6.78
N GLN E 70 -22.98 -23.62 -7.40
CA GLN E 70 -23.23 -22.98 -8.69
C GLN E 70 -22.13 -23.39 -9.60
N GLU E 71 -22.47 -23.63 -10.85
CA GLU E 71 -21.43 -23.75 -11.86
C GLU E 71 -20.81 -22.37 -12.04
N THR E 72 -19.50 -22.33 -12.19
CA THR E 72 -18.74 -21.11 -12.51
C THR E 72 -19.50 -20.20 -13.52
N GLN E 73 -19.55 -18.90 -13.24
CA GLN E 73 -20.32 -17.93 -14.01
C GLN E 73 -20.10 -16.56 -13.36
N LEU E 74 -20.57 -15.49 -14.01
CA LEU E 74 -20.52 -14.18 -13.38
C LEU E 74 -21.19 -14.17 -12.03
N THR E 75 -20.41 -13.82 -11.04
CA THR E 75 -20.98 -13.72 -9.71
C THR E 75 -22.29 -12.93 -9.68
N VAL E 76 -22.41 -11.85 -10.45
CA VAL E 76 -23.63 -11.01 -10.37
C VAL E 76 -24.84 -11.66 -11.06
N GLU E 77 -24.63 -12.67 -11.93
CA GLU E 77 -25.72 -13.41 -12.58
C GLU E 77 -26.18 -14.39 -11.59
N SER E 78 -25.24 -14.93 -10.86
CA SER E 78 -25.63 -15.91 -9.93
C SER E 78 -26.50 -15.22 -8.88
N ALA E 79 -26.07 -14.05 -8.40
CA ALA E 79 -26.87 -13.26 -7.42
C ALA E 79 -28.25 -13.01 -7.92
N LYS E 80 -28.34 -12.70 -9.20
CA LYS E 80 -29.60 -12.17 -9.71
C LYS E 80 -30.60 -13.31 -9.82
N SER E 81 -30.10 -14.45 -10.28
CA SER E 81 -30.83 -15.71 -10.22
C SER E 81 -31.42 -16.12 -8.89
N LEU E 82 -30.80 -15.69 -7.80
CA LEU E 82 -31.17 -16.22 -6.53
C LEU E 82 -31.88 -15.14 -5.73
N GLY E 83 -32.04 -13.95 -6.31
CA GLY E 83 -32.66 -12.82 -5.64
C GLY E 83 -31.81 -12.06 -4.60
N ALA E 84 -30.49 -12.19 -4.62
CA ALA E 84 -29.60 -11.42 -3.73
C ALA E 84 -29.32 -10.07 -4.32
N ASN E 85 -29.62 -9.03 -3.56
CA ASN E 85 -29.31 -7.63 -3.80
C ASN E 85 -27.92 -7.17 -3.32
N PHE E 86 -27.30 -7.97 -2.46
CA PHE E 86 -26.04 -7.67 -1.82
C PHE E 86 -25.11 -8.81 -2.08
N LEU E 87 -23.83 -8.47 -2.29
CA LEU E 87 -22.71 -9.42 -2.23
C LEU E 87 -21.91 -9.04 -0.98
N ILE E 88 -21.46 -10.01 -0.24
CA ILE E 88 -20.76 -9.69 0.95
C ILE E 88 -19.37 -10.22 0.70
N ARG E 89 -18.33 -9.42 0.95
CA ARG E 89 -16.90 -9.90 0.77
C ARG E 89 -16.09 -9.53 1.99
N GLY E 90 -14.97 -10.20 2.19
CA GLY E 90 -14.12 -9.78 3.23
C GLY E 90 -12.84 -9.13 2.69
N ILE E 91 -12.24 -8.27 3.51
CA ILE E 91 -10.90 -7.74 3.30
C ILE E 91 -9.87 -8.15 4.36
N ARG E 92 -8.76 -8.69 3.92
CA ARG E 92 -7.78 -9.09 4.88
C ARG E 92 -6.49 -8.26 4.92
N ASN E 93 -6.14 -7.56 3.83
CA ASN E 93 -4.91 -6.78 3.75
C ASN E 93 -4.99 -5.90 2.49
N VAL E 94 -4.02 -5.03 2.31
CA VAL E 94 -4.08 -4.05 1.22
C VAL E 94 -4.28 -4.68 -0.15
N LYS E 95 -3.53 -5.73 -0.41
CA LYS E 95 -3.69 -6.49 -1.59
C LYS E 95 -5.12 -6.98 -1.89
N ASP E 96 -5.74 -7.57 -0.87
CA ASP E 96 -7.09 -8.02 -0.92
C ASP E 96 -8.01 -6.86 -1.13
N TYR E 97 -7.78 -5.75 -0.42
CA TYR E 97 -8.53 -4.47 -0.62
C TYR E 97 -8.51 -4.02 -2.12
N GLU E 98 -7.33 -4.07 -2.77
CA GLU E 98 -7.24 -3.56 -4.17
C GLU E 98 -7.89 -4.51 -5.19
N TYR E 99 -7.81 -5.81 -4.89
CA TYR E 99 -8.34 -6.84 -5.69
C TYR E 99 -9.86 -6.78 -5.51
N GLU E 100 -10.36 -6.79 -4.29
CA GLU E 100 -11.82 -6.71 -4.13
C GLU E 100 -12.42 -5.51 -4.79
N LYS E 101 -11.69 -4.41 -4.77
CA LYS E 101 -12.20 -3.14 -5.19
C LYS E 101 -12.45 -3.07 -6.70
N ASP E 102 -11.51 -3.62 -7.47
CA ASP E 102 -11.62 -3.77 -8.91
C ASP E 102 -12.79 -4.68 -9.18
N ILE E 103 -12.83 -5.82 -8.49
CA ILE E 103 -13.99 -6.70 -8.61
C ILE E 103 -15.34 -5.97 -8.31
N ALA E 104 -15.40 -5.16 -7.29
CA ALA E 104 -16.64 -4.48 -6.95
C ALA E 104 -17.12 -3.42 -7.95
N LYS E 105 -16.19 -2.64 -8.44
CA LYS E 105 -16.44 -1.71 -9.53
C LYS E 105 -16.87 -2.34 -10.84
N MET E 106 -16.26 -3.44 -11.23
CA MET E 106 -16.69 -4.11 -12.39
C MET E 106 -18.12 -4.65 -12.13
N ASN E 107 -18.38 -5.24 -10.96
CA ASN E 107 -19.73 -5.82 -10.75
C ASN E 107 -20.75 -4.76 -10.74
N GLN E 108 -20.37 -3.59 -10.25
CA GLN E 108 -21.25 -2.47 -10.26
C GLN E 108 -21.58 -1.97 -11.68
N HIS E 109 -20.57 -1.96 -12.54
CA HIS E 109 -20.86 -1.67 -13.95
C HIS E 109 -21.83 -2.72 -14.57
N LEU E 110 -21.51 -4.02 -14.34
CA LEU E 110 -22.33 -5.15 -14.79
C LEU E 110 -23.73 -5.28 -14.21
N ALA E 111 -23.92 -4.80 -12.96
CA ALA E 111 -25.19 -4.96 -12.29
C ALA E 111 -25.35 -3.90 -11.22
N PRO E 112 -25.65 -2.69 -11.64
CA PRO E 112 -25.51 -1.57 -10.68
C PRO E 112 -26.52 -1.62 -9.57
N GLU E 113 -27.42 -2.60 -9.61
CA GLU E 113 -28.49 -2.64 -8.64
C GLU E 113 -28.05 -3.51 -7.49
N ILE E 114 -26.97 -4.24 -7.70
CA ILE E 114 -26.43 -5.07 -6.65
C ILE E 114 -25.26 -4.34 -5.89
N GLU E 115 -25.44 -4.20 -4.57
CA GLU E 115 -24.45 -3.54 -3.76
C GLU E 115 -23.40 -4.53 -3.16
N THR E 116 -22.10 -4.28 -3.37
CA THR E 116 -21.10 -5.07 -2.64
C THR E 116 -20.79 -4.48 -1.25
N VAL E 117 -20.78 -5.31 -0.19
CA VAL E 117 -20.60 -4.84 1.18
C VAL E 117 -19.41 -5.52 1.75
N PHE E 118 -18.61 -4.81 2.53
CA PHE E 118 -17.38 -5.40 3.10
C PHE E 118 -17.29 -5.49 4.59
N LEU E 119 -16.61 -6.53 5.05
CA LEU E 119 -16.24 -6.71 6.40
C LEU E 119 -14.74 -7.00 6.43
N LEU E 120 -14.08 -6.46 7.44
CA LEU E 120 -12.66 -6.70 7.67
C LEU E 120 -12.50 -8.03 8.32
N ALA E 121 -11.59 -8.84 7.81
CA ALA E 121 -11.22 -10.11 8.43
C ALA E 121 -10.83 -9.98 9.92
N GLU E 122 -11.18 -10.99 10.71
CA GLU E 122 -10.88 -11.02 12.14
C GLU E 122 -9.40 -11.35 12.31
N GLU E 123 -8.75 -10.76 13.31
CA GLU E 123 -7.28 -10.75 13.28
C GLU E 123 -6.56 -12.07 13.42
N PRO E 124 -7.19 -13.08 14.08
CA PRO E 124 -6.57 -14.41 14.03
C PRO E 124 -6.45 -15.02 12.64
N TYR E 125 -7.36 -14.69 11.75
CA TYR E 125 -7.49 -15.33 10.44
C TYR E 125 -6.99 -14.44 9.31
N ALA E 126 -6.70 -13.17 9.62
CA ALA E 126 -6.28 -12.23 8.56
C ALA E 126 -5.06 -12.64 7.72
N HIS E 127 -4.18 -13.49 8.23
CA HIS E 127 -3.04 -13.97 7.43
C HIS E 127 -3.37 -15.24 6.65
N VAL E 128 -4.60 -15.71 6.77
CA VAL E 128 -4.94 -16.98 6.15
C VAL E 128 -5.59 -16.80 4.77
N SER E 129 -4.96 -17.45 3.81
CA SER E 129 -5.39 -17.46 2.45
C SER E 129 -5.39 -18.92 2.09
N SER E 130 -6.14 -19.23 1.05
CA SER E 130 -6.34 -20.60 0.76
C SER E 130 -5.11 -21.11 0.03
N SER E 131 -4.40 -20.31 -0.76
CA SER E 131 -3.14 -20.84 -1.26
C SER E 131 -2.15 -21.16 -0.10
N LEU E 132 -2.21 -20.37 0.98
CA LEU E 132 -1.25 -20.55 2.09
C LEU E 132 -1.55 -21.83 2.88
N LEU E 133 -2.83 -22.10 3.14
CA LEU E 133 -3.16 -23.33 3.86
C LEU E 133 -2.80 -24.57 3.08
N LYS E 134 -2.98 -24.51 1.77
CA LYS E 134 -2.89 -25.71 0.97
C LYS E 134 -1.46 -26.18 1.06
N GLU E 135 -0.54 -25.29 0.75
CA GLU E 135 0.88 -25.57 0.87
C GLU E 135 1.22 -26.10 2.27
N VAL E 136 0.58 -25.57 3.31
CA VAL E 136 0.85 -26.05 4.64
C VAL E 136 0.30 -27.46 4.86
N LEU E 137 -0.94 -27.70 4.41
CA LEU E 137 -1.51 -29.04 4.36
C LEU E 137 -0.66 -30.02 3.53
N ARG E 138 -0.33 -29.65 2.30
CA ARG E 138 0.64 -30.37 1.48
C ARG E 138 1.82 -30.93 2.26
N PHE E 139 2.36 -30.11 3.14
CA PHE E 139 3.57 -30.42 3.87
C PHE E 139 3.30 -30.96 5.27
N GLY E 140 2.02 -31.02 5.68
CA GLY E 140 1.66 -31.78 6.89
C GLY E 140 1.59 -31.01 8.17
N GLY E 141 1.36 -29.69 8.12
CA GLY E 141 1.43 -28.87 9.31
C GLY E 141 0.11 -28.77 10.01
N ASP E 142 0.09 -28.61 11.33
CA ASP E 142 -1.17 -28.63 12.02
C ASP E 142 -1.80 -27.27 11.84
N VAL E 143 -2.76 -27.19 10.92
CA VAL E 143 -3.55 -25.98 10.78
C VAL E 143 -4.95 -26.15 11.28
N SER E 144 -5.12 -27.02 12.26
CA SER E 144 -6.44 -27.36 12.74
C SER E 144 -7.20 -26.25 13.47
N ASP E 145 -6.52 -25.32 14.14
CA ASP E 145 -7.23 -24.19 14.72
C ASP E 145 -7.78 -23.24 13.62
N TYR E 146 -7.35 -23.40 12.37
CA TYR E 146 -7.91 -22.62 11.28
C TYR E 146 -9.06 -23.27 10.46
N LEU E 147 -9.36 -24.54 10.76
CA LEU E 147 -10.41 -25.25 10.04
C LEU E 147 -11.58 -25.54 10.98
N PRO E 148 -12.82 -25.37 10.48
CA PRO E 148 -13.89 -25.99 11.33
C PRO E 148 -13.66 -27.53 11.40
N PRO E 149 -13.83 -28.11 12.60
CA PRO E 149 -13.52 -29.53 12.88
C PRO E 149 -14.03 -30.53 11.82
N ASN E 150 -15.31 -30.37 11.48
CA ASN E 150 -15.95 -31.26 10.53
C ASN E 150 -15.26 -31.29 9.20
N ILE E 151 -14.89 -30.12 8.66
CA ILE E 151 -14.01 -30.04 7.48
C ILE E 151 -12.64 -30.67 7.72
N TYR E 152 -12.06 -30.43 8.88
CA TYR E 152 -10.75 -30.97 9.16
C TYR E 152 -10.76 -32.51 9.18
N HIS E 153 -11.67 -33.09 9.98
CA HIS E 153 -11.80 -34.55 10.13
C HIS E 153 -11.91 -35.20 8.78
N ALA E 154 -12.72 -34.57 7.93
CA ALA E 154 -12.90 -35.02 6.56
C ALA E 154 -11.65 -34.97 5.72
N LEU E 155 -10.73 -34.04 6.01
CA LEU E 155 -9.50 -33.97 5.21
C LEU E 155 -8.53 -35.15 5.40
N LYS E 156 -8.78 -35.98 6.37
CA LYS E 156 -8.06 -37.21 6.41
C LYS E 156 -8.80 -38.08 5.42
N GLN E 157 -8.22 -38.10 4.23
CA GLN E 157 -8.69 -38.77 3.03
C GLN E 157 -7.52 -39.41 2.31
N LYS E 158 -6.57 -38.56 1.89
CA LYS E 158 -5.39 -38.98 1.11
C LYS E 158 -4.49 -37.77 0.85
N MET F 1 -29.00 -9.27 14.34
CA MET F 1 -29.25 -8.03 15.15
C MET F 1 -30.26 -7.11 14.44
N ARG F 2 -31.02 -6.32 15.21
CA ARG F 2 -31.85 -5.26 14.60
C ARG F 2 -30.91 -4.45 13.73
N LYS F 3 -31.40 -3.97 12.60
CA LYS F 3 -30.50 -3.35 11.63
C LYS F 3 -30.36 -1.87 11.80
N ILE F 4 -29.75 -1.43 12.88
CA ILE F 4 -29.67 0.01 13.10
C ILE F 4 -28.24 0.51 12.94
N ALA F 5 -28.04 1.39 11.97
CA ALA F 5 -26.67 1.90 11.76
C ALA F 5 -26.44 3.38 12.18
N LEU F 6 -25.35 3.60 12.90
CA LEU F 6 -24.72 4.91 13.08
C LEU F 6 -23.67 5.19 11.94
N PHE F 7 -23.90 6.28 11.23
CA PHE F 7 -22.90 6.80 10.35
C PHE F 7 -22.27 8.07 11.01
N PRO F 8 -21.10 7.89 11.64
CA PRO F 8 -20.53 9.03 12.33
C PRO F 8 -19.69 9.83 11.33
N GLY F 9 -19.51 11.12 11.55
CA GLY F 9 -18.48 11.91 10.85
C GLY F 9 -18.72 13.38 11.14
N SER F 10 -17.75 14.23 10.79
CA SER F 10 -17.92 15.69 10.99
C SER F 10 -18.69 16.43 9.89
N PHE F 11 -18.74 15.84 8.70
CA PHE F 11 -19.38 16.48 7.54
C PHE F 11 -19.09 18.00 7.54
N ASP F 12 -17.80 18.31 7.39
CA ASP F 12 -17.34 19.70 7.25
C ASP F 12 -16.60 19.88 5.93
N PRO F 13 -17.34 20.13 4.86
CA PRO F 13 -18.77 20.00 4.79
C PRO F 13 -19.18 18.61 4.28
N MET F 14 -20.48 18.40 4.25
CA MET F 14 -20.98 17.18 3.71
C MET F 14 -20.75 17.22 2.24
N THR F 15 -20.28 16.12 1.68
CA THR F 15 -20.10 16.07 0.24
C THR F 15 -21.14 15.17 -0.38
N ASN F 16 -21.18 15.15 -1.71
CA ASN F 16 -21.92 14.16 -2.47
C ASN F 16 -21.46 12.74 -2.26
N GLY F 17 -20.19 12.62 -1.85
CA GLY F 17 -19.65 11.34 -1.58
C GLY F 17 -20.20 10.84 -0.28
N HIS F 18 -20.17 11.65 0.77
CA HIS F 18 -21.06 11.38 1.92
C HIS F 18 -22.52 11.02 1.53
N LEU F 19 -23.14 11.77 0.65
CA LEU F 19 -24.60 11.57 0.42
C LEU F 19 -24.85 10.22 -0.25
N ASN F 20 -23.92 9.87 -1.16
CA ASN F 20 -23.87 8.60 -1.83
C ASN F 20 -23.80 7.44 -0.85
N LEU F 21 -22.91 7.50 0.13
CA LEU F 21 -22.82 6.44 1.16
C LEU F 21 -24.06 6.29 2.06
N ILE F 22 -24.70 7.41 2.38
CA ILE F 22 -25.96 7.37 3.07
C ILE F 22 -27.01 6.72 2.21
N GLU F 23 -27.08 7.03 0.91
CA GLU F 23 -28.16 6.50 0.07
C GLU F 23 -27.97 4.99 -0.02
N ARG F 24 -26.75 4.54 -0.23
CA ARG F 24 -26.57 3.12 -0.33
C ARG F 24 -26.82 2.38 1.01
N SER F 25 -26.46 3.00 2.12
CA SER F 25 -26.53 2.29 3.36
C SER F 25 -27.99 2.34 3.92
N ALA F 26 -28.78 3.31 3.45
CA ALA F 26 -30.24 3.25 3.65
C ALA F 26 -30.96 2.16 2.80
N LYS F 27 -30.26 1.51 1.86
CA LYS F 27 -30.86 0.33 1.21
C LYS F 27 -30.54 -0.94 2.00
N LEU F 28 -29.47 -0.87 2.80
CA LEU F 28 -28.98 -2.00 3.59
C LEU F 28 -29.62 -2.12 5.03
N PHE F 29 -29.77 -1.03 5.77
CA PHE F 29 -30.21 -1.09 7.17
C PHE F 29 -31.67 -0.67 7.25
N ASP F 30 -32.38 -1.14 8.28
CA ASP F 30 -33.70 -0.60 8.65
C ASP F 30 -33.69 0.89 8.91
N GLU F 31 -32.78 1.36 9.77
CA GLU F 31 -32.65 2.83 9.91
C GLU F 31 -31.18 3.26 9.93
N VAL F 32 -30.89 4.45 9.41
CA VAL F 32 -29.53 4.98 9.42
C VAL F 32 -29.53 6.28 10.17
N ILE F 33 -28.69 6.36 11.19
CA ILE F 33 -28.59 7.59 11.93
C ILE F 33 -27.33 8.32 11.58
N ILE F 34 -27.50 9.53 11.11
CA ILE F 34 -26.34 10.30 10.83
C ILE F 34 -25.81 10.98 12.08
N GLY F 35 -24.61 10.57 12.46
CA GLY F 35 -23.99 11.07 13.68
C GLY F 35 -23.03 12.22 13.43
N VAL F 36 -23.49 13.45 13.72
CA VAL F 36 -22.71 14.65 13.48
C VAL F 36 -22.07 15.13 14.76
N PHE F 37 -20.75 14.97 14.80
CA PHE F 37 -19.94 15.24 15.96
C PHE F 37 -19.28 16.63 15.83
N ILE F 38 -19.63 17.54 16.76
CA ILE F 38 -18.98 18.87 16.87
C ILE F 38 -17.88 18.90 17.94
N LEU F 45 -17.36 27.85 12.22
CA LEU F 45 -17.97 27.43 10.95
C LEU F 45 -19.47 27.78 10.95
N PHE F 46 -20.36 26.80 10.75
CA PHE F 46 -21.77 26.99 11.19
C PHE F 46 -22.12 26.18 12.45
N THR F 47 -23.06 26.76 13.16
CA THR F 47 -23.56 26.24 14.37
C THR F 47 -24.05 24.89 14.04
N PRO F 48 -23.93 24.02 15.01
CA PRO F 48 -24.32 22.66 14.92
C PRO F 48 -25.75 22.81 14.60
N GLU F 49 -26.35 23.85 15.12
CA GLU F 49 -27.72 24.01 14.76
C GLU F 49 -27.86 24.09 13.25
N GLU F 50 -27.09 24.92 12.56
CA GLU F 50 -27.29 24.94 11.11
C GLU F 50 -26.87 23.64 10.43
N LYS F 51 -25.77 23.06 10.89
CA LYS F 51 -25.29 21.81 10.33
C LYS F 51 -26.41 20.75 10.30
N LYS F 52 -27.14 20.60 11.41
CA LYS F 52 -28.29 19.68 11.49
C LYS F 52 -29.31 19.93 10.36
N TYR F 53 -29.84 21.14 10.33
CA TYR F 53 -30.84 21.50 9.33
C TYR F 53 -30.37 21.12 7.95
N LEU F 54 -29.11 21.42 7.69
CA LEU F 54 -28.59 21.29 6.36
C LEU F 54 -28.51 19.83 5.93
N ILE F 55 -28.08 18.96 6.85
CA ILE F 55 -27.98 17.54 6.56
C ILE F 55 -29.32 16.90 6.36
N GLU F 56 -30.30 17.26 7.20
CA GLU F 56 -31.63 16.69 7.04
C GLU F 56 -32.27 17.22 5.80
N GLU F 57 -31.87 18.42 5.37
CA GLU F 57 -32.26 18.92 4.04
C GLU F 57 -31.73 18.03 2.91
N ALA F 58 -30.45 17.66 2.95
CA ALA F 58 -29.86 16.84 1.89
C ALA F 58 -30.32 15.37 1.90
N THR F 59 -30.62 14.85 3.08
CA THR F 59 -31.09 13.46 3.20
C THR F 59 -32.62 13.31 3.20
N LYS F 60 -33.31 14.43 3.00
CA LYS F 60 -34.75 14.50 3.13
C LYS F 60 -35.53 13.41 2.41
N GLU F 61 -35.03 12.92 1.26
CA GLU F 61 -35.79 11.93 0.44
C GLU F 61 -35.78 10.49 1.03
N MET F 62 -34.85 10.21 1.95
CA MET F 62 -34.71 8.89 2.53
C MET F 62 -35.42 8.80 3.92
N PRO F 63 -36.62 8.16 3.99
CA PRO F 63 -37.43 8.20 5.21
C PRO F 63 -36.87 7.35 6.36
N ASN F 64 -36.01 6.38 6.03
CA ASN F 64 -35.35 5.62 7.10
C ASN F 64 -34.00 6.23 7.53
N VAL F 65 -33.76 7.48 7.18
CA VAL F 65 -32.55 8.16 7.63
C VAL F 65 -32.85 9.31 8.58
N ARG F 66 -32.04 9.48 9.61
CA ARG F 66 -32.21 10.63 10.48
C ARG F 66 -30.91 11.16 11.07
N VAL F 67 -30.95 12.44 11.43
CA VAL F 67 -29.76 13.13 11.92
C VAL F 67 -29.70 13.37 13.42
N ILE F 68 -28.54 13.22 14.01
CA ILE F 68 -28.36 13.53 15.41
C ILE F 68 -27.08 14.33 15.57
N MET F 69 -27.09 15.30 16.47
CA MET F 69 -25.89 16.04 16.83
C MET F 69 -25.33 15.36 18.04
N GLN F 70 -24.09 14.89 17.95
CA GLN F 70 -23.43 14.30 19.11
C GLN F 70 -22.29 15.21 19.53
N GLU F 71 -22.22 15.53 20.82
CA GLU F 71 -21.01 16.13 21.40
C GLU F 71 -20.03 15.00 21.36
N THR F 72 -18.74 15.30 21.12
CA THR F 72 -17.81 14.17 20.96
C THR F 72 -17.74 13.38 22.26
N GLN F 73 -17.84 12.07 22.07
CA GLN F 73 -17.73 11.05 23.10
C GLN F 73 -17.37 9.82 22.27
N LEU F 74 -16.96 8.71 22.89
CA LEU F 74 -16.66 7.52 22.09
C LEU F 74 -17.77 7.21 21.12
N THR F 75 -17.40 6.87 19.89
CA THR F 75 -18.40 6.54 18.86
C THR F 75 -19.26 5.34 19.26
N VAL F 76 -18.64 4.24 19.71
CA VAL F 76 -19.39 3.09 20.27
C VAL F 76 -20.38 3.47 21.36
N GLU F 77 -19.98 4.35 22.27
CA GLU F 77 -20.90 4.82 23.34
C GLU F 77 -22.04 5.59 22.76
N SER F 78 -21.79 6.33 21.69
CA SER F 78 -22.90 7.01 21.05
C SER F 78 -23.77 5.97 20.35
N ALA F 79 -23.15 4.89 19.89
CA ALA F 79 -23.95 3.90 19.19
C ALA F 79 -24.83 3.13 20.20
N LYS F 80 -24.29 2.88 21.40
CA LYS F 80 -25.10 2.25 22.42
C LYS F 80 -26.30 3.10 22.86
N SER F 81 -26.11 4.37 23.15
CA SER F 81 -27.22 5.19 23.58
C SER F 81 -28.27 5.29 22.50
N LEU F 82 -27.89 4.98 21.27
CA LEU F 82 -28.84 5.12 20.18
C LEU F 82 -29.51 3.80 19.87
N GLY F 83 -28.99 2.74 20.45
CA GLY F 83 -29.45 1.43 20.08
C GLY F 83 -28.93 0.89 18.75
N ALA F 84 -27.89 1.49 18.17
CA ALA F 84 -27.41 1.04 16.86
C ALA F 84 -26.47 -0.08 17.10
N ASN F 85 -26.53 -1.18 16.36
CA ASN F 85 -25.44 -2.21 16.44
C ASN F 85 -24.50 -2.23 15.30
N PHE F 86 -24.72 -1.32 14.39
CA PHE F 86 -23.86 -1.18 13.22
C PHE F 86 -23.29 0.23 13.11
N LEU F 87 -21.98 0.21 12.90
CA LEU F 87 -21.29 1.40 12.42
C LEU F 87 -21.08 1.27 10.92
N ILE F 88 -21.39 2.30 10.17
CA ILE F 88 -21.11 2.24 8.75
C ILE F 88 -20.00 3.23 8.36
N ARG F 89 -18.94 2.73 7.72
CA ARG F 89 -17.86 3.59 7.18
C ARG F 89 -17.60 3.41 5.66
N GLY F 90 -16.94 4.42 5.07
CA GLY F 90 -16.52 4.41 3.70
C GLY F 90 -15.00 4.20 3.65
N ILE F 91 -14.52 3.55 2.59
CA ILE F 91 -13.08 3.44 2.32
C ILE F 91 -12.89 4.04 0.94
N ARG F 92 -11.97 5.01 0.77
CA ARG F 92 -11.71 5.62 -0.54
C ARG F 92 -10.35 5.29 -1.11
N ASN F 93 -9.38 4.91 -0.27
CA ASN F 93 -8.08 4.50 -0.81
C ASN F 93 -7.36 3.73 0.30
N VAL F 94 -6.10 3.36 0.10
CA VAL F 94 -5.40 2.50 1.01
C VAL F 94 -5.15 3.15 2.39
N LYS F 95 -4.73 4.39 2.35
CA LYS F 95 -4.49 5.09 3.52
C LYS F 95 -5.74 5.04 4.37
N ASP F 96 -6.87 5.28 3.74
CA ASP F 96 -8.16 5.31 4.44
C ASP F 96 -8.55 3.90 5.02
N TYR F 97 -8.21 2.87 4.26
CA TYR F 97 -8.41 1.49 4.66
C TYR F 97 -7.68 1.23 5.96
N GLU F 98 -6.40 1.58 6.02
CA GLU F 98 -5.58 1.25 7.18
C GLU F 98 -6.01 2.07 8.37
N TYR F 99 -6.46 3.29 8.10
CA TYR F 99 -6.92 4.13 9.12
C TYR F 99 -8.23 3.52 9.73
N GLU F 100 -9.25 3.29 8.90
CA GLU F 100 -10.56 2.77 9.38
C GLU F 100 -10.40 1.41 10.04
N LYS F 101 -9.46 0.61 9.51
CA LYS F 101 -9.15 -0.67 10.12
C LYS F 101 -8.70 -0.59 11.58
N ASP F 102 -7.79 0.36 11.88
CA ASP F 102 -7.35 0.61 13.25
C ASP F 102 -8.56 0.99 14.06
N ILE F 103 -9.38 1.91 13.57
CA ILE F 103 -10.50 2.36 14.38
C ILE F 103 -11.46 1.21 14.62
N ALA F 104 -11.58 0.32 13.63
CA ALA F 104 -12.53 -0.77 13.76
C ALA F 104 -12.01 -1.83 14.72
N LYS F 105 -10.76 -2.13 14.65
CA LYS F 105 -10.20 -3.04 15.61
C LYS F 105 -10.32 -2.49 17.04
N MET F 106 -10.10 -1.20 17.21
CA MET F 106 -10.22 -0.59 18.51
C MET F 106 -11.68 -0.60 18.96
N ASN F 107 -12.62 -0.29 18.06
CA ASN F 107 -14.04 -0.33 18.43
C ASN F 107 -14.53 -1.72 18.73
N GLN F 108 -13.88 -2.73 18.16
CA GLN F 108 -14.35 -4.07 18.38
C GLN F 108 -13.98 -4.44 19.84
N HIS F 109 -12.77 -4.02 20.22
CA HIS F 109 -12.31 -4.05 21.62
C HIS F 109 -13.26 -3.41 22.63
N LEU F 110 -13.71 -2.21 22.36
CA LEU F 110 -14.52 -1.44 23.30
C LEU F 110 -15.95 -1.90 23.36
N ALA F 111 -16.43 -2.46 22.26
CA ALA F 111 -17.81 -2.85 22.13
C ALA F 111 -17.88 -3.93 21.04
N PRO F 112 -17.48 -5.19 21.34
CA PRO F 112 -17.42 -6.25 20.28
C PRO F 112 -18.80 -6.66 19.72
N GLU F 113 -19.87 -6.20 20.35
CA GLU F 113 -21.20 -6.59 19.90
C GLU F 113 -21.58 -5.72 18.75
N ILE F 114 -20.93 -4.58 18.63
CA ILE F 114 -21.13 -3.67 17.53
C ILE F 114 -20.26 -4.04 16.31
N GLU F 115 -20.90 -4.23 15.16
CA GLU F 115 -20.13 -4.53 13.95
C GLU F 115 -19.80 -3.32 13.11
N THR F 116 -18.56 -3.22 12.65
CA THR F 116 -18.30 -2.20 11.61
C THR F 116 -18.41 -2.74 10.19
N VAL F 117 -19.20 -2.03 9.40
CA VAL F 117 -19.50 -2.39 8.04
C VAL F 117 -18.93 -1.37 7.05
N PHE F 118 -18.40 -1.85 5.91
CA PHE F 118 -17.75 -0.94 4.90
C PHE F 118 -18.27 -0.91 3.50
N LEU F 119 -18.30 0.29 2.95
CA LEU F 119 -18.81 0.58 1.62
C LEU F 119 -17.64 1.26 0.95
N LEU F 120 -17.34 0.87 -0.31
CA LEU F 120 -16.25 1.51 -1.05
C LEU F 120 -16.75 2.82 -1.66
N ALA F 121 -15.94 3.86 -1.56
CA ALA F 121 -16.27 5.19 -2.16
C ALA F 121 -16.61 5.04 -3.61
N GLU F 122 -17.65 5.72 -4.07
CA GLU F 122 -17.99 5.74 -5.52
C GLU F 122 -16.90 6.53 -6.24
N GLU F 123 -16.31 5.94 -7.27
CA GLU F 123 -15.03 6.44 -7.85
C GLU F 123 -14.99 7.94 -8.25
N PRO F 124 -16.17 8.52 -8.59
CA PRO F 124 -16.14 10.00 -8.77
C PRO F 124 -15.84 10.83 -7.52
N TYR F 125 -16.03 10.28 -6.32
CA TYR F 125 -15.70 11.01 -5.10
C TYR F 125 -14.50 10.40 -4.30
N ALA F 126 -13.75 9.50 -4.90
CA ALA F 126 -12.68 8.81 -4.14
C ALA F 126 -11.52 9.67 -3.74
N HIS F 127 -11.21 10.67 -4.57
CA HIS F 127 -10.13 11.62 -4.28
C HIS F 127 -10.63 12.71 -3.39
N VAL F 128 -11.87 12.65 -2.98
CA VAL F 128 -12.37 13.77 -2.27
C VAL F 128 -12.19 13.53 -0.77
N SER F 129 -11.47 14.42 -0.10
CA SER F 129 -11.45 14.48 1.35
C SER F 129 -11.74 15.92 1.73
N SER F 130 -12.03 16.10 3.01
CA SER F 130 -12.31 17.37 3.67
C SER F 130 -11.16 18.37 3.56
N SER F 131 -9.99 18.04 4.11
CA SER F 131 -8.87 18.96 4.02
C SER F 131 -8.71 19.45 2.58
N LEU F 132 -8.63 18.52 1.62
CA LEU F 132 -8.56 18.90 0.21
C LEU F 132 -9.66 19.88 -0.29
N LEU F 133 -10.90 19.52 -0.07
CA LEU F 133 -11.99 20.35 -0.48
C LEU F 133 -11.81 21.78 0.08
N LYS F 134 -11.42 21.84 1.34
CA LYS F 134 -11.32 23.14 1.97
C LYS F 134 -10.19 23.97 1.44
N GLU F 135 -9.08 23.31 1.11
CA GLU F 135 -7.98 24.05 0.57
C GLU F 135 -8.48 24.65 -0.73
N VAL F 136 -9.16 23.85 -1.54
CA VAL F 136 -9.66 24.34 -2.80
C VAL F 136 -10.66 25.49 -2.63
N LEU F 137 -11.52 25.34 -1.64
CA LEU F 137 -12.49 26.39 -1.33
C LEU F 137 -11.83 27.71 -0.88
N ARG F 138 -10.81 27.58 -0.03
CA ARG F 138 -9.94 28.69 0.50
C ARG F 138 -9.39 29.53 -0.64
N PHE F 139 -9.31 28.95 -1.83
CA PHE F 139 -8.77 29.68 -2.97
C PHE F 139 -9.81 29.94 -4.03
N GLY F 140 -11.09 29.77 -3.71
CA GLY F 140 -12.14 29.98 -4.69
C GLY F 140 -12.25 29.02 -5.89
N GLY F 141 -11.63 27.84 -5.84
CA GLY F 141 -11.89 26.81 -6.88
C GLY F 141 -13.38 26.47 -6.90
N ASP F 142 -13.90 26.06 -8.06
CA ASP F 142 -15.28 25.62 -8.18
C ASP F 142 -15.40 24.09 -7.97
N VAL F 143 -15.87 23.75 -6.78
CA VAL F 143 -16.08 22.37 -6.36
C VAL F 143 -17.57 22.10 -6.13
N SER F 144 -18.40 22.98 -6.69
CA SER F 144 -19.82 22.85 -6.66
C SER F 144 -20.30 21.46 -7.06
N ASP F 145 -19.65 20.79 -8.01
CA ASP F 145 -20.13 19.44 -8.40
C ASP F 145 -20.03 18.42 -7.23
N TYR F 146 -19.20 18.73 -6.25
CA TYR F 146 -18.88 17.80 -5.21
C TYR F 146 -19.77 18.01 -4.00
N LEU F 147 -20.69 18.95 -4.11
CA LEU F 147 -21.51 19.30 -2.99
C LEU F 147 -22.97 19.25 -3.34
N PRO F 148 -23.79 18.82 -2.38
CA PRO F 148 -25.21 18.83 -2.62
C PRO F 148 -25.65 20.30 -2.71
N PRO F 149 -26.51 20.62 -3.69
CA PRO F 149 -26.85 22.01 -3.99
C PRO F 149 -27.22 22.85 -2.74
N ASN F 150 -28.14 22.35 -1.93
CA ASN F 150 -28.43 23.03 -0.67
C ASN F 150 -27.21 23.41 0.19
N ILE F 151 -26.17 22.57 0.19
CA ILE F 151 -24.96 22.88 0.97
C ILE F 151 -24.11 23.91 0.24
N TYR F 152 -24.19 23.94 -1.10
CA TYR F 152 -23.45 24.92 -1.87
C TYR F 152 -24.01 26.29 -1.56
N HIS F 153 -25.32 26.47 -1.80
CA HIS F 153 -26.07 27.72 -1.53
C HIS F 153 -25.78 28.28 -0.15
N ALA F 154 -25.61 27.42 0.82
CA ALA F 154 -25.35 27.89 2.18
C ALA F 154 -23.90 28.23 2.40
N LEU F 155 -23.06 27.69 1.57
CA LEU F 155 -21.63 27.92 1.57
C LEU F 155 -21.12 29.30 1.29
N LYS F 156 -21.75 30.01 0.38
CA LYS F 156 -21.18 31.20 -0.18
C LYS F 156 -20.90 32.31 0.82
N GLN F 157 -21.79 32.52 1.76
CA GLN F 157 -21.54 33.56 2.72
C GLN F 157 -20.35 33.20 3.60
N LYS F 158 -19.48 34.17 3.89
CA LYS F 158 -18.35 33.96 4.80
C LYS F 158 -18.49 34.80 6.05
CAA PNY G . 2.93 -5.37 -20.75
CAB PNY G . 4.46 -7.39 -21.30
OAC PNY G . 11.58 -5.69 -21.56
OAD PNY G . 7.90 -5.19 -20.30
OAE PNY G . 1.73 -6.12 -21.17
CAF PNY G . 4.30 -5.85 -21.41
SAG PNY G . 12.71 -4.74 -17.34
CAH PNY G . 11.33 -5.35 -18.37
CAI PNY G . 4.34 -5.40 -22.88
CAJ PNY G . 11.52 -6.69 -19.01
CAK PNY G . 8.34 -7.57 -21.92
CAL PNY G . 9.53 -6.77 -22.37
NAM PNY G . 10.49 -6.93 -20.06
NAN PNY G . 7.10 -6.82 -21.72
CAO PNY G . 10.64 -6.44 -21.29
CAP PNY G . 6.95 -5.75 -20.90
CAQ PNY G . 5.51 -5.13 -20.72
OAR PNY G . 5.26 -5.01 -19.30
CAA PNY H . 1.89 20.16 -2.94
CAB PNY H . -0.12 21.21 -1.61
OAC PNY H . -3.32 24.59 -5.79
OAD PNY H . 0.02 24.01 -2.20
OAE PNY H . 0.97 19.18 -3.36
CAF PNY H . 1.16 21.44 -2.46
SAG PNY H . -5.75 20.44 -5.75
CAH PNY H . -4.37 21.42 -5.02
CAI PNY H . 2.19 22.22 -1.61
CAJ PNY H . -5.00 22.67 -4.52
CAK PNY H . -1.13 25.53 -4.09
CAL PNY H . -2.51 25.31 -3.56
NAM PNY H . -4.05 23.55 -3.85
NAN PNY H . -0.53 24.22 -4.36
CAO PNY H . -3.35 24.46 -4.54
CAP PNY H . 0.04 23.58 -3.36
CAQ PNY H . 0.74 22.23 -3.71
OAR PNY H . -0.14 21.46 -4.57
CAA PNY I . 9.51 -18.13 0.45
CAB PNY I . 10.76 -19.09 2.32
OAC PNY I . 7.59 -23.63 4.68
OAD PNY I . 8.98 -21.55 2.85
OAE PNY I . 9.21 -16.97 1.19
CAF PNY I . 9.52 -19.29 1.46
SAG PNY I . 4.03 -20.59 5.96
CAH PNY I . 5.29 -21.18 4.79
CAI PNY I . 8.22 -19.30 2.31
CAJ PNY I . 5.06 -22.63 4.64
CAK PNY I . 8.98 -24.16 2.05
CAL PNY I . 7.48 -24.18 2.28
NAM PNY I . 5.76 -23.10 3.48
NAN PNY I . 9.28 -23.02 1.21
CAO PNY I . 6.97 -23.60 3.60
CAP PNY I . 9.24 -21.79 1.69
CAQ PNY I . 9.61 -20.64 0.72
OAR PNY I . 10.97 -20.83 0.27
CAA PNY J . 10.56 7.53 16.19
CAB PNY J . 11.55 8.69 18.23
OAC PNY J . 17.36 10.77 15.48
OAD PNY J . 14.90 9.04 16.02
OAE PNY J . 10.71 7.42 14.75
CAF PNY J . 11.85 8.05 16.87
SAG PNY J . 16.65 9.80 10.56
CAH PNY J . 15.72 10.70 11.81
CAI PNY J . 12.80 6.87 17.06
CAJ PNY J . 16.64 11.09 12.94
CAK PNY J . 15.08 11.43 17.57
CAL PNY J . 15.66 12.29 16.45
NAM PNY J . 15.93 11.74 14.09
NAN PNY J . 13.84 10.77 17.11
CAO PNY J . 16.40 11.53 15.30
CAP PNY J . 13.85 9.64 16.36
CAQ PNY J . 12.46 9.11 15.90
OAR PNY J . 11.46 10.15 15.65
CAA PNY K . -13.42 -14.64 -5.53
CAB PNY K . -15.13 -16.51 -6.00
OAC PNY K . -17.79 -12.93 -11.54
OAD PNY K . -15.43 -13.45 -9.06
OAE PNY K . -12.87 -13.42 -6.10
CAF PNY K . -14.64 -15.10 -6.38
SAG PNY K . -15.97 -8.92 -11.96
CAH PNY K . -16.23 -10.62 -11.36
CAI PNY K . -15.82 -14.16 -6.12
CAJ PNY K . -15.78 -11.39 -12.58
CAK PNY K . -16.85 -15.59 -10.47
CAL PNY K . -16.40 -15.00 -11.80
NAM PNY K . -15.70 -12.83 -12.38
NAN PNY K . -15.76 -15.69 -9.49
CAO PNY K . -16.72 -13.48 -11.88
CAP PNY K . -15.19 -14.65 -8.87
CAQ PNY K . -14.11 -15.04 -7.86
OAR PNY K . -13.51 -16.29 -8.25
CAA PNY L . -13.70 9.93 11.84
CAB PNY L . -15.43 11.21 13.18
OAC PNY L . -14.80 7.21 19.15
OAD PNY L . -14.71 8.12 15.88
OAE PNY L . -12.76 8.85 11.92
CAF PNY L . -14.62 9.88 13.05
SAG PNY L . -11.32 3.95 18.31
CAH PNY L . -12.21 5.51 17.92
CAI PNY L . -15.56 8.67 12.89
CAJ PNY L . -12.04 6.44 19.09
CAK PNY L . -15.19 10.02 17.79
CAL PNY L . -14.18 9.58 18.84
NAM PNY L . -12.60 7.77 18.89
NAN PNY L . -14.56 10.28 16.49
CAO PNY L . -13.91 8.05 18.97
CAP PNY L . -14.38 9.28 15.62
CAQ PNY L . -13.68 9.59 14.25
OAR PNY L . -12.71 10.61 14.35
#